data_3Q6J
#
_entry.id   3Q6J
#
_cell.length_a   88.466
_cell.length_b   59.803
_cell.length_c   105.463
_cell.angle_alpha   90.00
_cell.angle_beta   102.28
_cell.angle_gamma   90.00
#
_symmetry.space_group_name_H-M   'P 1 21 1'
#
loop_
_entity.id
_entity.type
_entity.pdbx_description
1 polymer '2-oxopropyl-CoM reductase, carboxylating'
2 non-polymer 'NADP NICOTINAMIDE-ADENINE-DINUCLEOTIDE PHOSPHATE'
3 non-polymer 'FLAVIN-ADENINE DINUCLEOTIDE'
4 non-polymer (2-[2-KETOPROPYLTHIO]ETHANESULFONATE
5 non-polymer 'MAGNESIUM ION'
6 non-polymer 'BICARBONATE ION'
7 non-polymer 'CARBON DIOXIDE'
8 non-polymer ACETONE
9 non-polymer '1-THIOETHANESULFONIC ACID'
10 water water
#
_entity_poly.entity_id   1
_entity_poly.type   'polypeptide(L)'
_entity_poly.pdbx_seq_one_letter_code
;MKVWNARNDHLTINQWATRIDEILEAPDGGEVIYNVDENDPREYDAIFIGGGAAGRFGSAYLRAMGGRQLIVDRWPFLGG
SCPHNACVPHHLFSDCAAELMLARTFSGQYWFPDMTEKVVGIKEVVDLFRAGRNGPHGIMNFQSKEQLNLEYILNCPAKV
IDNHTVEAAGKVFKAKNLILAVGAGPGTLDVPGVNAKGVFDHATLVEELDYEPGSTVVVVGGSKTAVEYGCFFNATGRRT
VMLVRTEPLKLIKDNETRAYVLDRMKEQGMEIISGSNVTRIEEDANGRVQAVVAMTPNGEMRIETDFVFLGLGEQPRSAE
LAKILGLDLGPKGEVLVNEYLQTSVPNVYAVGDLIGGPMEMFKARKSGCYAARNVMGEKISYTPKNYPDFLHTHYEVSFL
GMGEEEARAAGHEIVTIKMPPDTENGLNVALPASDRTMLYAFGKGTAHMSGFQKIVIDAKTRKVLGAHHVGYGAKDAFQY
LNVLIKQGLTVDELGDMDELFLNPTHFIQLSRLRAGSKNLVSL
;
_entity_poly.pdbx_strand_id   A,B
#
loop_
_chem_comp.id
_chem_comp.type
_chem_comp.name
_chem_comp.formula
ACN non-polymer ACETONE 'C3 H6 O'
BCT non-polymer 'BICARBONATE ION' 'C H O3 -1'
CO2 non-polymer 'CARBON DIOXIDE' 'C O2'
COM non-polymer '1-THIOETHANESULFONIC ACID' 'C2 H6 O3 S2'
FAD non-polymer 'FLAVIN-ADENINE DINUCLEOTIDE' 'C27 H33 N9 O15 P2'
KPC non-polymer (2-[2-KETOPROPYLTHIO]ETHANESULFONATE 'C5 H10 O4 S2'
MG non-polymer 'MAGNESIUM ION' 'Mg 2'
NAP non-polymer 'NADP NICOTINAMIDE-ADENINE-DINUCLEOTIDE PHOSPHATE' 'C21 H28 N7 O17 P3'
#
# COMPACT_ATOMS: atom_id res chain seq x y z
N LYS A 2 -6.68 43.46 16.05
CA LYS A 2 -7.95 42.68 16.27
C LYS A 2 -7.65 41.25 16.75
N VAL A 3 -7.96 41.00 18.02
CA VAL A 3 -7.65 39.72 18.67
C VAL A 3 -8.94 38.95 19.01
N TRP A 4 -9.10 37.77 18.43
CA TRP A 4 -10.18 36.89 18.78
C TRP A 4 -9.82 35.97 19.96
N ASN A 5 -10.47 36.17 21.10
CA ASN A 5 -10.26 35.29 22.23
C ASN A 5 -11.07 33.99 22.06
N ALA A 6 -10.38 32.93 21.62
CA ALA A 6 -11.00 31.71 21.16
C ALA A 6 -11.02 30.63 22.23
N ARG A 7 -10.40 30.94 23.39
CA ARG A 7 -10.21 29.94 24.46
C ARG A 7 -11.48 29.18 24.76
N ASN A 8 -12.57 29.91 24.95
CA ASN A 8 -13.82 29.29 25.36
C ASN A 8 -14.83 29.07 24.24
N ASP A 9 -14.40 29.24 22.99
CA ASP A 9 -15.18 28.78 21.85
C ASP A 9 -14.74 27.35 21.49
N HIS A 10 -15.67 26.58 20.90
CA HIS A 10 -15.43 25.19 20.57
C HIS A 10 -15.93 24.85 19.17
N LEU A 11 -15.22 25.36 18.18
CA LEU A 11 -15.54 25.10 16.78
C LEU A 11 -15.37 23.62 16.44
N THR A 12 -16.20 23.14 15.54
CA THR A 12 -16.04 21.78 15.00
C THR A 12 -14.90 21.80 13.99
N ILE A 13 -14.54 20.64 13.45
CA ILE A 13 -13.52 20.55 12.39
C ILE A 13 -13.96 21.43 11.20
N ASN A 14 -15.23 21.26 10.78
CA ASN A 14 -15.70 21.98 9.57
C ASN A 14 -15.94 23.49 9.77
N GLN A 15 -16.34 23.86 10.98
CA GLN A 15 -16.40 25.27 11.35
C GLN A 15 -15.00 25.86 11.36
N TRP A 16 -14.03 25.11 11.89
CA TRP A 16 -12.64 25.58 11.86
C TRP A 16 -12.19 25.78 10.41
N ALA A 17 -12.52 24.84 9.52
CA ALA A 17 -12.10 24.94 8.10
C ALA A 17 -12.62 26.23 7.45
N THR A 18 -13.88 26.55 7.72
CA THR A 18 -14.57 27.73 7.21
C THR A 18 -13.95 29.03 7.75
N ARG A 19 -13.70 29.04 9.06
CA ARG A 19 -13.14 30.19 9.76
C ARG A 19 -11.71 30.50 9.31
N ILE A 20 -10.91 29.45 9.12
CA ILE A 20 -9.55 29.61 8.63
C ILE A 20 -9.57 30.22 7.23
N ASP A 21 -10.40 29.67 6.37
CA ASP A 21 -10.61 30.23 5.05
C ASP A 21 -10.97 31.74 5.12
N GLU A 22 -11.89 32.10 6.00
CA GLU A 22 -12.27 33.51 6.17
C GLU A 22 -11.08 34.42 6.56
N ILE A 23 -10.27 33.96 7.50
CA ILE A 23 -9.11 34.71 7.97
C ILE A 23 -8.05 34.84 6.87
N LEU A 24 -7.77 33.74 6.18
CA LEU A 24 -6.85 33.74 5.05
C LEU A 24 -7.24 34.72 3.95
N GLU A 25 -8.55 34.86 3.74
CA GLU A 25 -9.09 35.68 2.64
C GLU A 25 -9.39 37.13 3.02
N ALA A 26 -9.37 37.46 4.31
CA ALA A 26 -9.72 38.80 4.76
C ALA A 26 -8.75 39.85 4.22
N PRO A 27 -9.27 40.90 3.55
CA PRO A 27 -8.38 41.94 2.98
C PRO A 27 -7.45 42.59 4.01
N ASP A 28 -7.94 42.81 5.22
CA ASP A 28 -7.11 43.39 6.27
C ASP A 28 -6.02 42.47 6.90
N GLY A 29 -6.04 41.18 6.58
CA GLY A 29 -5.08 40.20 7.16
C GLY A 29 -5.73 39.27 8.18
N GLY A 30 -6.92 39.65 8.63
CA GLY A 30 -7.72 38.82 9.49
C GLY A 30 -7.32 38.94 10.94
N GLU A 31 -8.19 38.47 11.82
CA GLU A 31 -8.01 38.54 13.26
C GLU A 31 -6.93 37.57 13.75
N VAL A 32 -6.35 37.91 14.89
CA VAL A 32 -5.46 37.00 15.60
C VAL A 32 -6.33 35.95 16.29
N ILE A 33 -5.89 34.67 16.22
CA ILE A 33 -6.55 33.57 16.94
C ILE A 33 -5.77 33.35 18.23
N TYR A 34 -6.40 33.64 19.36
CA TYR A 34 -5.72 33.70 20.64
C TYR A 34 -6.35 32.64 21.53
N ASN A 35 -5.62 31.54 21.75
CA ASN A 35 -6.14 30.39 22.50
C ASN A 35 -5.20 30.10 23.67
N VAL A 36 -5.43 30.81 24.78
CA VAL A 36 -4.50 30.82 25.90
C VAL A 36 -5.34 30.68 27.16
N ASP A 37 -4.89 29.84 28.10
CA ASP A 37 -5.60 29.65 29.35
C ASP A 37 -5.19 30.76 30.32
N GLU A 38 -6.02 31.79 30.42
CA GLU A 38 -5.69 32.98 31.20
C GLU A 38 -5.77 32.75 32.71
N ASN A 39 -6.34 31.62 33.12
CA ASN A 39 -6.48 31.29 34.55
C ASN A 39 -5.41 30.35 35.09
N ASP A 40 -4.62 29.76 34.18
CA ASP A 40 -3.52 28.91 34.58
C ASP A 40 -2.30 29.75 35.01
N PRO A 41 -1.91 29.69 36.31
CA PRO A 41 -0.79 30.50 36.80
C PRO A 41 0.61 29.97 36.47
N ARG A 42 0.73 28.76 35.93
CA ARG A 42 2.05 28.13 35.74
C ARG A 42 2.87 28.87 34.69
N GLU A 43 4.18 28.90 34.87
CA GLU A 43 5.03 29.42 33.81
C GLU A 43 5.04 28.46 32.61
N TYR A 44 5.23 29.00 31.41
CA TYR A 44 5.47 28.16 30.23
C TYR A 44 6.82 27.45 30.35
N ASP A 45 6.80 26.14 30.15
CA ASP A 45 8.03 25.36 30.01
C ASP A 45 8.73 25.67 28.69
N ALA A 46 7.96 25.83 27.61
CA ALA A 46 8.49 26.28 26.32
C ALA A 46 7.48 27.09 25.55
N ILE A 47 7.98 28.14 24.90
CA ILE A 47 7.25 28.76 23.82
C ILE A 47 7.85 28.24 22.51
N PHE A 48 6.97 27.74 21.65
CA PHE A 48 7.34 27.27 20.32
C PHE A 48 7.14 28.39 19.31
N ILE A 49 8.20 28.72 18.58
CA ILE A 49 8.11 29.69 17.47
C ILE A 49 7.83 28.89 16.21
N GLY A 50 6.55 28.85 15.84
CA GLY A 50 6.12 27.99 14.75
C GLY A 50 5.36 26.80 15.29
N GLY A 51 4.26 26.49 14.62
CA GLY A 51 3.43 25.35 14.96
C GLY A 51 3.18 24.48 13.76
N GLY A 52 4.22 24.29 12.94
CA GLY A 52 4.20 23.24 11.91
C GLY A 52 4.40 21.85 12.51
N ALA A 53 4.86 20.89 11.72
CA ALA A 53 5.01 19.53 12.19
C ALA A 53 5.84 19.45 13.48
N ALA A 54 6.98 20.15 13.47
CA ALA A 54 7.85 20.13 14.65
C ALA A 54 7.22 20.81 15.86
N GLY A 55 6.73 22.04 15.66
CA GLY A 55 6.16 22.82 16.77
C GLY A 55 4.88 22.22 17.33
N ARG A 56 4.09 21.63 16.45
CA ARG A 56 2.81 21.07 16.82
C ARG A 56 2.99 19.74 17.54
N PHE A 57 3.76 18.82 16.98
CA PHE A 57 4.07 17.57 17.70
C PHE A 57 4.86 17.79 19.00
N GLY A 58 5.86 18.65 18.94
CA GLY A 58 6.60 19.02 20.14
C GLY A 58 5.69 19.48 21.27
N SER A 59 4.76 20.39 20.94
CA SER A 59 3.78 20.91 21.90
C SER A 59 2.86 19.79 22.40
N ALA A 60 2.39 18.93 21.48
CA ALA A 60 1.52 17.80 21.89
C ALA A 60 2.18 16.89 22.92
N TYR A 61 3.45 16.56 22.68
CA TYR A 61 4.20 15.72 23.57
C TYR A 61 4.50 16.40 24.90
N LEU A 62 4.90 17.68 24.86
CA LEU A 62 5.20 18.44 26.06
C LEU A 62 3.97 18.49 26.96
N ARG A 63 2.82 18.78 26.33
CA ARG A 63 1.55 18.84 27.07
C ARG A 63 1.13 17.49 27.62
N ALA A 64 1.38 16.41 26.85
CA ALA A 64 1.06 15.06 27.32
C ALA A 64 1.88 14.67 28.56
N MET A 65 3.08 15.25 28.68
CA MET A 65 3.99 15.04 29.81
C MET A 65 3.64 15.92 30.99
N GLY A 66 2.55 16.68 30.91
CA GLY A 66 2.11 17.55 31.99
C GLY A 66 2.76 18.92 32.05
N GLY A 67 3.55 19.26 31.04
CA GLY A 67 4.18 20.62 30.96
C GLY A 67 3.28 21.65 30.29
N ARG A 68 3.65 22.92 30.34
CA ARG A 68 2.86 23.97 29.70
C ARG A 68 3.58 24.55 28.51
N GLN A 69 2.86 24.70 27.41
CA GLN A 69 3.43 25.22 26.17
C GLN A 69 2.58 26.34 25.55
N LEU A 70 3.19 27.08 24.64
CA LEU A 70 2.51 28.07 23.83
C LEU A 70 3.14 28.00 22.44
N ILE A 71 2.28 27.89 21.44
CA ILE A 71 2.71 27.99 20.06
C ILE A 71 2.38 29.39 19.56
N VAL A 72 3.28 29.99 18.77
CA VAL A 72 2.99 31.20 18.02
C VAL A 72 3.27 30.88 16.57
N ASP A 73 2.29 31.16 15.70
CA ASP A 73 2.45 30.92 14.28
C ASP A 73 1.82 32.04 13.48
N ARG A 74 2.49 32.45 12.41
CA ARG A 74 2.02 33.53 11.56
C ARG A 74 0.89 33.09 10.63
N TRP A 75 0.74 31.78 10.42
CA TRP A 75 -0.45 31.26 9.75
C TRP A 75 -1.62 31.09 10.75
N PRO A 76 -2.87 31.23 10.26
CA PRO A 76 -4.11 31.06 11.03
C PRO A 76 -4.49 29.60 11.23
N PHE A 77 -3.59 28.69 10.85
CA PHE A 77 -3.74 27.26 11.08
C PHE A 77 -2.43 26.65 11.62
N LEU A 78 -2.56 25.49 12.24
CA LEU A 78 -1.45 24.68 12.71
C LEU A 78 -1.15 23.60 11.65
N GLY A 79 0.07 23.05 11.69
CA GLY A 79 0.51 22.01 10.76
C GLY A 79 1.55 22.47 9.77
N GLY A 80 1.69 23.78 9.60
CA GLY A 80 2.76 24.34 8.82
C GLY A 80 2.68 24.08 7.34
N SER A 81 3.85 23.86 6.74
CA SER A 81 3.94 23.77 5.29
C SER A 81 3.21 22.55 4.76
N CYS A 82 3.17 21.51 5.57
CA CYS A 82 2.68 20.20 5.17
C CYS A 82 1.27 20.24 4.59
N PRO A 83 0.26 20.72 5.36
CA PRO A 83 -1.07 20.81 4.74
C PRO A 83 -1.19 21.93 3.72
N HIS A 84 -0.42 23.00 3.89
CA HIS A 84 -0.70 24.19 3.10
C HIS A 84 -0.06 24.20 1.74
N ASN A 85 1.17 23.68 1.63
CA ASN A 85 1.90 23.78 0.39
C ASN A 85 2.96 22.73 0.14
N ALA A 86 3.13 21.81 1.10
CA ALA A 86 4.19 20.80 0.96
C ALA A 86 3.65 19.35 0.74
N CYS A 87 3.70 18.49 1.77
CA CYS A 87 3.40 17.04 1.54
C CYS A 87 2.00 16.74 1.05
N VAL A 88 1.01 17.48 1.53
CA VAL A 88 -0.39 17.22 1.16
C VAL A 88 -0.68 17.48 -0.32
N PRO A 89 -0.37 18.71 -0.83
CA PRO A 89 -0.57 18.90 -2.27
C PRO A 89 0.32 17.98 -3.08
N HIS A 90 1.54 17.78 -2.62
CA HIS A 90 2.48 16.84 -3.28
C HIS A 90 1.77 15.48 -3.50
N HIS A 91 1.07 14.97 -2.48
CA HIS A 91 0.42 13.66 -2.59
C HIS A 91 -0.83 13.69 -3.46
N LEU A 92 -1.59 14.78 -3.39
CA LEU A 92 -2.69 14.91 -4.34
C LEU A 92 -2.16 14.87 -5.79
N PHE A 93 -1.10 15.62 -6.06
CA PHE A 93 -0.53 15.64 -7.45
C PHE A 93 0.04 14.27 -7.85
N SER A 94 0.69 13.58 -6.91
CA SER A 94 1.20 12.24 -7.21
C SER A 94 0.11 11.20 -7.44
N ASP A 95 -1.01 11.27 -6.70
CA ASP A 95 -2.19 10.44 -7.00
C ASP A 95 -2.65 10.69 -8.42
N CYS A 96 -2.69 11.96 -8.84
CA CYS A 96 -3.10 12.30 -10.22
C CYS A 96 -2.13 11.70 -11.26
N ALA A 97 -0.85 11.92 -11.03
CA ALA A 97 0.22 11.35 -11.90
C ALA A 97 0.08 9.83 -12.12
N ALA A 98 -0.08 9.08 -11.03
CA ALA A 98 -0.30 7.62 -11.11
C ALA A 98 -1.55 7.21 -11.89
N GLU A 99 -2.68 7.88 -11.65
CA GLU A 99 -3.93 7.53 -12.29
C GLU A 99 -3.89 7.93 -13.74
N LEU A 100 -3.22 9.04 -14.00
CA LEU A 100 -3.05 9.54 -15.36
C LEU A 100 -2.17 8.59 -16.18
N MET A 101 -1.05 8.13 -15.64
CA MET A 101 -0.29 7.07 -16.32
C MET A 101 -1.18 5.84 -16.66
N LEU A 102 -2.00 5.39 -15.70
CA LEU A 102 -2.90 4.24 -15.93
C LEU A 102 -3.83 4.57 -17.10
N ALA A 103 -4.54 5.69 -16.97
CA ALA A 103 -5.43 6.15 -18.01
C ALA A 103 -4.76 6.25 -19.40
N ARG A 104 -3.57 6.86 -19.47
CA ARG A 104 -2.84 6.97 -20.75
C ARG A 104 -2.33 5.63 -21.31
N THR A 105 -1.96 4.72 -20.43
CA THR A 105 -1.52 3.38 -20.85
C THR A 105 -2.68 2.60 -21.45
N PHE A 106 -3.87 2.72 -20.85
CA PHE A 106 -5.02 1.98 -21.33
C PHE A 106 -6.03 2.85 -22.07
N SER A 107 -5.51 3.93 -22.66
CA SER A 107 -6.29 4.87 -23.47
C SER A 107 -7.14 4.09 -24.47
N GLY A 108 -8.45 4.28 -24.40
CA GLY A 108 -9.38 3.68 -25.36
C GLY A 108 -9.61 2.20 -25.16
N GLN A 109 -9.34 1.73 -23.95
CA GLN A 109 -9.68 0.36 -23.56
C GLN A 109 -10.62 0.43 -22.33
N TYR A 110 -11.60 -0.48 -22.28
CA TYR A 110 -12.55 -0.63 -21.14
C TYR A 110 -13.28 0.66 -20.77
N TRP A 111 -13.22 1.08 -19.51
CA TRP A 111 -13.82 2.37 -19.13
C TRP A 111 -12.93 3.59 -19.43
N PHE A 112 -11.72 3.35 -19.91
CA PHE A 112 -10.76 4.44 -20.03
C PHE A 112 -11.02 5.34 -21.24
N PRO A 113 -11.20 6.64 -21.00
CA PRO A 113 -11.31 7.66 -22.06
C PRO A 113 -10.09 7.67 -22.99
N ASP A 114 -10.28 8.11 -24.24
CA ASP A 114 -9.20 8.32 -25.19
C ASP A 114 -8.36 9.50 -24.71
N MET A 115 -7.09 9.26 -24.42
CA MET A 115 -6.22 10.29 -23.83
C MET A 115 -5.26 10.89 -24.85
N THR A 116 -5.32 10.37 -26.07
CA THR A 116 -4.35 10.70 -27.12
C THR A 116 -4.09 12.19 -27.26
N GLU A 117 -5.16 12.98 -27.29
CA GLU A 117 -5.03 14.40 -27.44
C GLU A 117 -5.37 15.16 -26.17
N LYS A 118 -5.23 14.49 -25.02
CA LYS A 118 -5.81 15.06 -23.81
C LYS A 118 -4.77 15.73 -22.94
N VAL A 119 -4.92 17.05 -22.78
CA VAL A 119 -4.09 17.80 -21.86
C VAL A 119 -4.97 18.15 -20.67
N VAL A 120 -4.51 17.76 -19.49
CA VAL A 120 -5.21 18.02 -18.25
C VAL A 120 -4.75 19.37 -17.73
N GLY A 121 -5.69 20.20 -17.29
CA GLY A 121 -5.32 21.46 -16.69
C GLY A 121 -4.57 21.30 -15.37
N ILE A 122 -3.35 21.86 -15.31
CA ILE A 122 -2.56 21.94 -14.07
C ILE A 122 -3.30 22.87 -13.07
N LYS A 123 -3.73 24.01 -13.57
CA LYS A 123 -4.44 25.00 -12.76
C LYS A 123 -5.70 24.39 -12.19
N GLU A 124 -6.41 23.59 -12.99
CA GLU A 124 -7.63 22.93 -12.50
C GLU A 124 -7.31 22.09 -11.25
N VAL A 125 -6.23 21.33 -11.29
CA VAL A 125 -5.88 20.44 -10.18
C VAL A 125 -5.36 21.23 -8.97
N VAL A 126 -4.57 22.27 -9.25
CA VAL A 126 -4.06 23.18 -8.20
C VAL A 126 -5.27 23.83 -7.54
N ASP A 127 -6.26 24.22 -8.33
CA ASP A 127 -7.43 24.89 -7.75
C ASP A 127 -8.23 23.92 -6.88
N LEU A 128 -8.23 22.65 -7.26
CA LEU A 128 -8.91 21.61 -6.47
C LEU A 128 -8.22 21.57 -5.09
N PHE A 129 -6.89 21.52 -5.10
CA PHE A 129 -6.09 21.60 -3.85
C PHE A 129 -6.42 22.85 -3.00
N ARG A 130 -6.47 24.02 -3.64
CA ARG A 130 -6.74 25.28 -2.93
C ARG A 130 -8.13 25.25 -2.32
N ALA A 131 -9.08 24.63 -3.01
CA ALA A 131 -10.48 24.57 -2.55
C ALA A 131 -10.65 23.62 -1.38
N GLY A 132 -9.76 22.65 -1.24
CA GLY A 132 -9.94 21.62 -0.22
C GLY A 132 -8.95 21.62 0.92
N ARG A 133 -7.93 22.48 0.85
CA ARG A 133 -6.86 22.44 1.83
C ARG A 133 -7.26 22.90 3.23
N ASN A 134 -8.41 23.56 3.36
CA ASN A 134 -8.88 24.00 4.69
C ASN A 134 -9.46 22.84 5.53
N GLY A 135 -9.78 21.72 4.87
CA GLY A 135 -10.21 20.49 5.56
C GLY A 135 -9.12 20.05 6.52
N PRO A 136 -7.92 19.74 5.99
CA PRO A 136 -6.82 19.39 6.89
C PRO A 136 -6.48 20.55 7.86
N HIS A 137 -6.57 21.81 7.42
CA HIS A 137 -6.37 22.94 8.35
C HIS A 137 -7.34 22.87 9.51
N GLY A 138 -8.61 22.68 9.20
CA GLY A 138 -9.67 22.62 10.21
C GLY A 138 -9.38 21.51 11.22
N ILE A 139 -9.02 20.31 10.75
CA ILE A 139 -8.69 19.21 11.68
C ILE A 139 -7.50 19.58 12.57
N MET A 140 -6.48 20.21 12.01
CA MET A 140 -5.30 20.59 12.81
C MET A 140 -5.69 21.55 13.96
N ASN A 141 -6.43 22.59 13.66
CA ASN A 141 -6.88 23.50 14.73
C ASN A 141 -7.77 22.83 15.76
N PHE A 142 -8.69 21.99 15.28
CA PHE A 142 -9.58 21.26 16.15
C PHE A 142 -8.83 20.26 17.05
N GLN A 143 -8.06 19.35 16.44
CA GLN A 143 -7.38 18.32 17.17
C GLN A 143 -6.45 18.96 18.22
N SER A 144 -5.76 20.01 17.81
CA SER A 144 -4.78 20.69 18.67
C SER A 144 -5.41 21.31 19.91
N LYS A 145 -6.49 22.06 19.70
CA LYS A 145 -7.19 22.69 20.82
C LYS A 145 -7.99 21.69 21.67
N GLU A 146 -8.83 20.90 21.01
CA GLU A 146 -9.87 20.11 21.72
C GLU A 146 -9.40 18.73 22.17
N GLN A 147 -8.45 18.13 21.47
CA GLN A 147 -8.00 16.79 21.86
C GLN A 147 -6.62 16.74 22.51
N LEU A 148 -5.72 17.64 22.07
CA LEU A 148 -4.33 17.68 22.53
C LEU A 148 -4.12 18.75 23.62
N ASN A 149 -5.14 19.58 23.86
CA ASN A 149 -5.12 20.59 24.93
C ASN A 149 -4.01 21.63 24.77
N LEU A 150 -3.74 22.00 23.52
CA LEU A 150 -2.73 23.00 23.21
C LEU A 150 -3.24 24.43 23.33
N GLU A 151 -2.33 25.26 23.81
CA GLU A 151 -2.46 26.69 23.80
C GLU A 151 -1.73 27.21 22.60
N TYR A 152 -2.37 28.13 21.88
CA TYR A 152 -1.73 28.70 20.71
C TYR A 152 -2.25 30.09 20.37
N ILE A 153 -1.41 30.82 19.67
CA ILE A 153 -1.76 32.11 19.09
C ILE A 153 -1.36 32.03 17.64
N LEU A 154 -2.36 32.15 16.76
CA LEU A 154 -2.16 31.97 15.33
C LEU A 154 -2.49 33.24 14.56
N ASN A 155 -2.05 33.27 13.31
CA ASN A 155 -2.21 34.46 12.48
C ASN A 155 -1.45 35.64 13.09
N CYS A 156 -0.31 35.31 13.69
CA CYS A 156 0.52 36.28 14.39
C CYS A 156 2.03 35.98 14.28
N PRO A 157 2.78 36.85 13.59
CA PRO A 157 4.24 36.71 13.59
C PRO A 157 4.76 36.82 15.02
N ALA A 158 5.62 35.91 15.44
CA ALA A 158 6.21 36.00 16.78
C ALA A 158 7.27 37.08 16.78
N LYS A 159 7.40 37.77 17.90
CA LYS A 159 8.49 38.72 18.06
C LYS A 159 9.29 38.31 19.28
N VAL A 160 10.37 37.57 19.02
CA VAL A 160 11.26 37.11 20.07
C VAL A 160 12.03 38.30 20.63
N ILE A 161 11.91 38.48 21.93
CA ILE A 161 12.61 39.55 22.62
C ILE A 161 14.01 39.05 23.03
N ASP A 162 14.05 37.97 23.79
CA ASP A 162 15.30 37.32 24.21
C ASP A 162 15.02 35.83 24.47
N ASN A 163 16.01 35.12 25.05
CA ASN A 163 15.91 33.65 25.21
C ASN A 163 14.82 33.19 26.21
N HIS A 164 14.15 34.14 26.86
CA HIS A 164 13.04 33.80 27.74
C HIS A 164 11.75 34.57 27.51
N THR A 165 11.69 35.34 26.43
CA THR A 165 10.68 36.39 26.34
C THR A 165 10.21 36.54 24.91
N VAL A 166 8.89 36.45 24.73
CA VAL A 166 8.33 36.51 23.38
C VAL A 166 7.07 37.37 23.40
N GLU A 167 6.96 38.25 22.44
CA GLU A 167 5.72 39.02 22.25
C GLU A 167 4.84 38.38 21.16
N ALA A 168 3.56 38.21 21.49
CA ALA A 168 2.53 37.74 20.54
C ALA A 168 1.18 38.34 20.90
N ALA A 169 0.40 38.70 19.89
CA ALA A 169 -0.93 39.32 20.10
C ALA A 169 -0.87 40.57 20.98
N GLY A 170 0.22 41.32 20.92
CA GLY A 170 0.42 42.50 21.78
C GLY A 170 0.61 42.20 23.26
N LYS A 171 0.80 40.93 23.60
CA LYS A 171 1.12 40.51 24.97
C LYS A 171 2.57 40.04 25.05
N VAL A 172 3.21 40.18 26.21
CA VAL A 172 4.58 39.70 26.38
C VAL A 172 4.49 38.42 27.21
N PHE A 173 5.12 37.33 26.74
CA PHE A 173 5.08 36.05 27.48
C PHE A 173 6.47 35.67 27.96
N LYS A 174 6.57 35.11 29.16
CA LYS A 174 7.86 34.55 29.63
C LYS A 174 7.86 33.03 29.48
N ALA A 175 9.03 32.40 29.26
CA ALA A 175 9.15 30.92 29.31
C ALA A 175 10.49 30.46 29.82
N LYS A 176 10.54 29.23 30.32
CA LYS A 176 11.80 28.64 30.74
C LYS A 176 12.72 28.35 29.56
N ASN A 177 12.13 28.09 28.40
CA ASN A 177 12.88 27.77 27.16
C ASN A 177 12.13 28.24 25.91
N LEU A 178 12.85 28.39 24.82
CA LEU A 178 12.25 28.58 23.49
C LEU A 178 12.55 27.34 22.66
N ILE A 179 11.57 26.88 21.90
CA ILE A 179 11.86 25.89 20.88
C ILE A 179 11.61 26.53 19.53
N LEU A 180 12.67 26.64 18.73
CA LEU A 180 12.59 27.38 17.45
C LEU A 180 12.18 26.39 16.36
N ALA A 181 11.07 26.65 15.67
CA ALA A 181 10.40 25.67 14.82
C ALA A 181 9.80 26.34 13.56
N VAL A 182 10.52 27.30 12.99
CA VAL A 182 10.01 28.14 11.88
C VAL A 182 10.33 27.57 10.49
N GLY A 183 10.95 26.40 10.46
CA GLY A 183 11.18 25.66 9.22
C GLY A 183 12.12 26.34 8.24
N ALA A 184 11.84 26.11 6.95
CA ALA A 184 12.69 26.52 5.85
C ALA A 184 11.86 27.03 4.65
N GLY A 185 12.43 27.95 3.86
CA GLY A 185 11.75 28.54 2.71
C GLY A 185 12.31 28.03 1.39
N PRO A 186 11.55 28.15 0.29
CA PRO A 186 12.01 27.51 -0.97
C PRO A 186 13.33 28.05 -1.47
N GLY A 187 14.17 27.14 -1.96
CA GLY A 187 15.40 27.55 -2.59
C GLY A 187 15.13 28.24 -3.92
N THR A 188 16.06 29.11 -4.29
CA THR A 188 15.98 29.80 -5.58
C THR A 188 17.29 29.73 -6.37
N LEU A 189 17.26 30.30 -7.58
CA LEU A 189 18.42 30.38 -8.44
C LEU A 189 18.89 31.84 -8.48
N ASP A 190 20.20 32.03 -8.63
CA ASP A 190 20.73 33.37 -8.82
C ASP A 190 20.99 33.61 -10.32
N VAL A 191 19.94 33.81 -11.11
CA VAL A 191 20.09 34.05 -12.57
C VAL A 191 19.17 35.18 -13.00
N PRO A 192 19.49 35.88 -14.12
CA PRO A 192 18.53 36.86 -14.69
C PRO A 192 17.21 36.19 -15.04
N GLY A 193 16.09 36.80 -14.66
CA GLY A 193 14.77 36.30 -15.04
C GLY A 193 14.12 35.44 -13.97
N VAL A 194 14.86 35.12 -12.92
CA VAL A 194 14.34 34.22 -11.89
C VAL A 194 13.07 34.78 -11.24
N ASN A 195 12.91 36.10 -11.27
CA ASN A 195 11.72 36.73 -10.71
C ASN A 195 10.60 36.99 -11.72
N ALA A 196 10.78 36.54 -12.96
CA ALA A 196 9.73 36.58 -13.98
C ALA A 196 8.46 35.85 -13.53
N LYS A 197 7.30 36.36 -13.95
CA LYS A 197 6.07 35.61 -13.77
C LYS A 197 6.20 34.27 -14.51
N GLY A 198 5.57 33.22 -14.00
CA GLY A 198 5.68 31.90 -14.63
C GLY A 198 6.76 31.02 -14.03
N VAL A 199 7.57 31.62 -13.15
CA VAL A 199 8.55 30.84 -12.37
C VAL A 199 7.92 30.54 -11.02
N PHE A 200 7.82 29.25 -10.69
CA PHE A 200 7.15 28.81 -9.46
C PHE A 200 8.07 27.90 -8.65
N ASP A 201 7.73 27.77 -7.38
CA ASP A 201 8.24 26.70 -6.52
C ASP A 201 7.02 26.08 -5.85
N HIS A 202 7.24 25.10 -4.95
CA HIS A 202 6.11 24.42 -4.31
C HIS A 202 5.18 25.40 -3.56
N ALA A 203 5.76 26.48 -3.03
CA ALA A 203 4.97 27.42 -2.21
C ALA A 203 4.15 28.36 -3.08
N THR A 204 4.77 28.97 -4.08
CA THR A 204 4.10 29.94 -4.97
C THR A 204 3.14 29.26 -5.97
N LEU A 205 3.38 27.98 -6.32
CA LEU A 205 2.46 27.22 -7.21
C LEU A 205 1.02 27.24 -6.75
N VAL A 206 0.83 27.07 -5.43
CA VAL A 206 -0.51 26.92 -4.87
C VAL A 206 -1.02 28.26 -4.35
N GLU A 207 -0.26 29.34 -4.55
CA GLU A 207 -0.80 30.67 -4.23
C GLU A 207 -1.03 31.57 -5.47
N GLU A 208 -0.25 31.35 -6.52
CA GLU A 208 -0.12 32.35 -7.60
C GLU A 208 -0.31 31.87 -9.06
N LEU A 209 -0.80 30.65 -9.26
CA LEU A 209 -0.98 30.14 -10.59
C LEU A 209 -2.32 30.63 -11.12
N ASP A 210 -2.28 31.66 -11.95
CA ASP A 210 -3.49 32.35 -12.42
C ASP A 210 -3.69 32.14 -13.90
N TYR A 211 -2.89 31.25 -14.48
CA TYR A 211 -3.04 30.87 -15.88
C TYR A 211 -2.81 29.36 -16.02
N GLU A 212 -3.14 28.81 -17.18
CA GLU A 212 -2.91 27.42 -17.51
C GLU A 212 -1.61 27.31 -18.32
N PRO A 213 -0.63 26.54 -17.82
CA PRO A 213 0.64 26.43 -18.53
C PRO A 213 0.50 25.89 -19.96
N GLY A 214 1.40 26.32 -20.83
CA GLY A 214 1.45 25.84 -22.19
C GLY A 214 1.93 24.40 -22.25
N SER A 215 2.41 24.01 -23.43
CA SER A 215 2.61 22.60 -23.74
C SER A 215 3.94 22.03 -23.17
N THR A 216 4.86 22.92 -22.81
CA THR A 216 6.17 22.54 -22.26
C THR A 216 6.41 23.08 -20.85
N VAL A 217 6.89 22.20 -19.97
CA VAL A 217 7.25 22.58 -18.62
C VAL A 217 8.74 22.31 -18.45
N VAL A 218 9.44 23.25 -17.85
CA VAL A 218 10.81 23.02 -17.39
C VAL A 218 10.84 22.88 -15.85
N VAL A 219 11.46 21.80 -15.37
CA VAL A 219 11.68 21.64 -13.93
C VAL A 219 13.17 21.74 -13.68
N VAL A 220 13.55 22.53 -12.67
CA VAL A 220 14.94 22.60 -12.22
C VAL A 220 15.09 21.84 -10.90
N GLY A 221 16.07 20.92 -10.86
CA GLY A 221 16.27 20.05 -9.70
C GLY A 221 16.19 18.59 -10.10
N GLY A 222 16.69 17.69 -9.26
CA GLY A 222 16.73 16.26 -9.62
C GLY A 222 16.48 15.26 -8.50
N SER A 223 15.92 15.74 -7.39
CA SER A 223 15.52 14.88 -6.30
C SER A 223 14.00 14.85 -6.09
N LYS A 224 13.57 14.61 -4.86
CA LYS A 224 12.18 14.28 -4.55
C LYS A 224 11.16 15.29 -5.12
N THR A 225 11.28 16.57 -4.75
CA THR A 225 10.34 17.61 -5.16
C THR A 225 10.31 17.78 -6.67
N ALA A 226 11.49 17.90 -7.27
CA ALA A 226 11.59 18.02 -8.71
C ALA A 226 10.94 16.85 -9.45
N VAL A 227 11.24 15.62 -9.01
CA VAL A 227 10.73 14.42 -9.67
C VAL A 227 9.23 14.18 -9.38
N GLU A 228 8.80 14.42 -8.15
CA GLU A 228 7.36 14.40 -7.82
C GLU A 228 6.50 15.34 -8.66
N TYR A 229 6.81 16.63 -8.61
CA TYR A 229 6.07 17.62 -9.44
C TYR A 229 6.26 17.42 -10.93
N GLY A 230 7.47 17.03 -11.33
CA GLY A 230 7.74 16.79 -12.74
C GLY A 230 6.94 15.66 -13.34
N CYS A 231 6.79 14.54 -12.60
CA CYS A 231 5.93 13.47 -13.10
C CYS A 231 4.46 13.85 -13.21
N PHE A 232 3.97 14.63 -12.25
CA PHE A 232 2.61 15.17 -12.39
C PHE A 232 2.47 16.07 -13.66
N PHE A 233 3.36 17.05 -13.82
CA PHE A 233 3.31 17.90 -15.02
C PHE A 233 3.31 17.07 -16.30
N ASN A 234 4.24 16.12 -16.38
CA ASN A 234 4.29 15.19 -17.53
C ASN A 234 2.99 14.40 -17.70
N ALA A 235 2.42 13.94 -16.60
CA ALA A 235 1.19 13.12 -16.65
C ALA A 235 0.00 13.93 -17.19
N THR A 236 0.03 15.25 -17.00
CA THR A 236 -1.01 16.12 -17.60
C THR A 236 -0.92 16.20 -19.13
N GLY A 237 0.14 15.69 -19.73
CA GLY A 237 0.25 15.72 -21.21
C GLY A 237 1.29 16.72 -21.73
N ARG A 238 2.10 17.23 -20.82
CA ARG A 238 3.09 18.24 -21.18
C ARG A 238 4.50 17.71 -21.33
N ARG A 239 5.16 18.14 -22.39
CA ARG A 239 6.59 17.88 -22.56
C ARG A 239 7.33 18.44 -21.34
N THR A 240 8.01 17.55 -20.64
CA THR A 240 8.62 17.90 -19.36
C THR A 240 10.14 17.64 -19.45
N VAL A 241 10.89 18.70 -19.19
CA VAL A 241 12.34 18.65 -19.25
C VAL A 241 12.86 18.99 -17.84
N MET A 242 13.63 18.07 -17.28
CA MET A 242 14.22 18.29 -15.95
C MET A 242 15.67 18.62 -16.12
N LEU A 243 16.06 19.78 -15.58
CA LEU A 243 17.45 20.23 -15.59
C LEU A 243 18.11 19.92 -14.25
N VAL A 244 19.01 18.95 -14.28
CA VAL A 244 19.51 18.37 -13.03
C VAL A 244 20.98 18.76 -12.94
N ARG A 245 21.37 19.43 -11.87
CA ARG A 245 22.75 19.92 -11.68
C ARG A 245 23.79 18.78 -11.71
N THR A 246 23.55 17.72 -10.97
CA THR A 246 24.46 16.58 -11.06
C THR A 246 23.74 15.42 -11.74
N GLU A 247 23.27 14.45 -10.97
CA GLU A 247 22.61 13.24 -11.47
C GLU A 247 21.27 13.08 -10.77
N PRO A 248 20.26 12.54 -11.47
CA PRO A 248 18.90 12.45 -10.91
C PRO A 248 18.78 11.30 -9.92
N LEU A 249 17.97 11.50 -8.89
CA LEU A 249 17.56 10.43 -7.98
C LEU A 249 18.68 9.65 -7.33
N LYS A 250 19.69 10.38 -6.87
CA LYS A 250 20.84 9.78 -6.18
C LYS A 250 20.41 9.13 -4.87
N LEU A 251 19.27 9.56 -4.32
CA LEU A 251 18.69 8.89 -3.16
C LEU A 251 18.41 7.41 -3.40
N ILE A 252 18.16 7.02 -4.65
CA ILE A 252 17.94 5.59 -4.95
C ILE A 252 19.30 4.94 -5.16
N LYS A 253 19.84 4.37 -4.09
CA LYS A 253 21.19 3.81 -4.12
C LYS A 253 21.32 2.53 -4.94
N ASP A 254 20.26 1.71 -4.98
CA ASP A 254 20.33 0.49 -5.78
C ASP A 254 20.31 0.85 -7.28
N ASN A 255 21.34 0.43 -8.02
CA ASN A 255 21.47 0.93 -9.41
C ASN A 255 20.37 0.38 -10.29
N GLU A 256 20.00 -0.89 -10.08
CA GLU A 256 18.91 -1.54 -10.87
C GLU A 256 17.57 -0.90 -10.58
N THR A 257 17.31 -0.60 -9.30
CA THR A 257 16.06 0.08 -8.94
C THR A 257 16.02 1.48 -9.57
N ARG A 258 17.08 2.28 -9.38
CA ARG A 258 17.16 3.63 -9.98
CA ARG A 258 17.16 3.62 -9.97
C ARG A 258 16.95 3.60 -11.50
N ALA A 259 17.59 2.64 -12.17
CA ALA A 259 17.45 2.49 -13.62
C ALA A 259 16.03 2.18 -14.07
N TYR A 260 15.37 1.26 -13.36
CA TYR A 260 13.96 0.94 -13.65
C TYR A 260 13.14 2.21 -13.57
N VAL A 261 13.33 2.95 -12.48
CA VAL A 261 12.50 4.15 -12.22
C VAL A 261 12.73 5.21 -13.29
N LEU A 262 14.00 5.55 -13.53
CA LEU A 262 14.38 6.47 -14.62
C LEU A 262 13.90 6.00 -15.98
N ASP A 263 13.96 4.70 -16.25
CA ASP A 263 13.52 4.14 -17.53
C ASP A 263 12.04 4.32 -17.71
N ARG A 264 11.28 4.07 -16.64
CA ARG A 264 9.83 4.25 -16.74
C ARG A 264 9.43 5.71 -16.96
N MET A 265 10.21 6.62 -16.37
CA MET A 265 9.98 8.05 -16.50
C MET A 265 10.26 8.47 -17.92
N LYS A 266 11.31 7.92 -18.52
CA LYS A 266 11.63 8.22 -19.91
C LYS A 266 10.58 7.66 -20.86
N GLU A 267 10.02 6.49 -20.54
CA GLU A 267 8.96 5.88 -21.36
C GLU A 267 7.72 6.74 -21.38
N GLN A 268 7.48 7.47 -20.30
CA GLN A 268 6.34 8.36 -20.20
C GLN A 268 6.59 9.67 -20.95
N GLY A 269 7.82 9.83 -21.45
CA GLY A 269 8.17 10.97 -22.30
C GLY A 269 8.95 12.08 -21.62
N MET A 270 9.32 11.87 -20.36
CA MET A 270 10.15 12.85 -19.66
C MET A 270 11.56 12.86 -20.19
N GLU A 271 12.13 14.06 -20.25
CA GLU A 271 13.51 14.25 -20.72
C GLU A 271 14.31 14.71 -19.54
N ILE A 272 15.33 13.95 -19.16
CA ILE A 272 16.07 14.26 -17.91
C ILE A 272 17.51 14.57 -18.28
N ILE A 273 17.92 15.82 -18.05
CA ILE A 273 19.25 16.30 -18.45
C ILE A 273 20.19 16.50 -17.28
N SER A 274 21.21 15.64 -17.21
CA SER A 274 22.18 15.69 -16.13
C SER A 274 23.23 16.75 -16.39
N GLY A 275 23.93 17.14 -15.33
CA GLY A 275 25.06 18.07 -15.39
C GLY A 275 24.70 19.42 -15.96
N SER A 276 23.53 19.92 -15.60
CA SER A 276 23.03 21.10 -16.26
C SER A 276 22.61 22.19 -15.27
N ASN A 277 22.87 23.43 -15.66
CA ASN A 277 22.68 24.59 -14.80
C ASN A 277 22.02 25.66 -15.64
N VAL A 278 20.92 26.20 -15.14
CA VAL A 278 20.22 27.31 -15.80
C VAL A 278 21.15 28.52 -15.76
N THR A 279 21.29 29.20 -16.88
CA THR A 279 22.09 30.42 -16.93
C THR A 279 21.23 31.68 -17.06
N ARG A 280 20.07 31.52 -17.70
CA ARG A 280 19.09 32.60 -17.80
C ARG A 280 17.65 32.06 -18.00
N ILE A 281 16.69 32.76 -17.41
CA ILE A 281 15.28 32.56 -17.71
C ILE A 281 14.89 33.79 -18.53
N GLU A 282 14.62 33.57 -19.80
CA GLU A 282 14.17 34.61 -20.74
C GLU A 282 12.72 34.99 -20.50
N GLU A 283 12.46 36.29 -20.47
CA GLU A 283 11.11 36.84 -20.31
C GLU A 283 10.64 37.38 -21.63
N ASP A 284 9.34 37.28 -21.89
CA ASP A 284 8.73 38.03 -23.01
C ASP A 284 8.51 39.49 -22.58
N ALA A 285 8.02 40.33 -23.49
CA ALA A 285 7.80 41.74 -23.21
C ALA A 285 6.67 41.97 -22.18
N ASN A 286 5.86 40.93 -21.95
CA ASN A 286 4.84 40.92 -20.87
C ASN A 286 5.37 40.60 -19.48
N GLY A 287 6.63 40.18 -19.42
CA GLY A 287 7.26 39.89 -18.15
C GLY A 287 7.07 38.45 -17.69
N ARG A 288 6.62 37.58 -18.61
CA ARG A 288 6.48 36.15 -18.29
C ARG A 288 7.60 35.36 -18.94
N VAL A 289 8.11 34.36 -18.23
CA VAL A 289 9.03 33.41 -18.85
C VAL A 289 8.59 33.01 -20.25
N GLN A 290 9.54 33.01 -21.20
CA GLN A 290 9.32 32.42 -22.52
C GLN A 290 10.33 31.31 -22.89
N ALA A 291 11.45 31.25 -22.18
CA ALA A 291 12.45 30.23 -22.43
C ALA A 291 13.40 30.08 -21.25
N VAL A 292 14.02 28.91 -21.15
CA VAL A 292 15.06 28.71 -20.18
C VAL A 292 16.34 28.41 -20.96
N VAL A 293 17.42 29.08 -20.59
CA VAL A 293 18.70 28.83 -21.23
C VAL A 293 19.57 28.15 -20.15
N ALA A 294 20.29 27.12 -20.55
CA ALA A 294 21.08 26.31 -19.61
C ALA A 294 22.31 25.73 -20.28
N MET A 295 23.37 25.61 -19.50
CA MET A 295 24.58 24.92 -19.91
C MET A 295 24.48 23.44 -19.50
N THR A 296 24.84 22.56 -20.41
CA THR A 296 24.76 21.10 -20.18
C THR A 296 26.12 20.48 -20.59
N PRO A 297 26.30 19.16 -20.36
CA PRO A 297 27.57 18.56 -20.80
C PRO A 297 27.68 18.50 -22.33
N ASN A 298 26.58 18.81 -23.02
CA ASN A 298 26.54 18.82 -24.49
C ASN A 298 26.30 20.23 -25.06
N GLY A 299 26.71 21.24 -24.30
CA GLY A 299 26.65 22.62 -24.75
C GLY A 299 25.38 23.33 -24.29
N GLU A 300 25.18 24.55 -24.77
CA GLU A 300 24.02 25.34 -24.35
C GLU A 300 22.73 24.81 -24.98
N MET A 301 21.69 24.70 -24.17
CA MET A 301 20.38 24.43 -24.75
C MET A 301 19.41 25.53 -24.37
N ARG A 302 18.41 25.76 -25.24
CA ARG A 302 17.36 26.75 -25.00
C ARG A 302 16.07 25.98 -25.08
N ILE A 303 15.24 26.07 -24.04
CA ILE A 303 13.96 25.38 -24.05
C ILE A 303 12.86 26.41 -23.96
N GLU A 304 11.99 26.44 -24.97
CA GLU A 304 10.85 27.34 -24.98
C GLU A 304 9.77 26.82 -24.03
N THR A 305 9.30 27.71 -23.15
CA THR A 305 8.32 27.35 -22.15
C THR A 305 7.75 28.59 -21.54
N ASP A 306 6.52 28.50 -21.03
CA ASP A 306 6.02 29.61 -20.18
C ASP A 306 5.75 29.20 -18.74
N PHE A 307 6.39 28.12 -18.30
CA PHE A 307 6.14 27.59 -16.94
C PHE A 307 7.38 26.82 -16.47
N VAL A 308 7.98 27.34 -15.40
CA VAL A 308 9.23 26.81 -14.87
C VAL A 308 8.95 26.49 -13.42
N PHE A 309 9.35 25.30 -12.99
CA PHE A 309 9.14 24.90 -11.60
C PHE A 309 10.48 24.56 -10.96
N LEU A 310 10.80 25.29 -9.89
CA LEU A 310 12.03 25.09 -9.14
C LEU A 310 11.80 24.11 -7.98
N GLY A 311 12.52 22.98 -8.02
CA GLY A 311 12.45 21.99 -6.96
C GLY A 311 13.83 21.81 -6.40
N LEU A 312 14.33 22.90 -5.82
CA LEU A 312 15.67 22.97 -5.25
C LEU A 312 15.50 22.63 -3.77
N GLY A 313 16.51 22.85 -2.94
CA GLY A 313 16.34 22.54 -1.53
C GLY A 313 15.52 23.62 -0.84
N GLU A 314 15.34 23.46 0.46
CA GLU A 314 14.62 24.43 1.28
C GLU A 314 15.72 25.08 2.14
N GLN A 315 15.57 26.38 2.44
CA GLN A 315 16.59 27.16 3.17
C GLN A 315 16.14 27.49 4.59
N PRO A 316 16.82 26.95 5.62
CA PRO A 316 16.35 27.21 6.99
C PRO A 316 16.05 28.70 7.25
N ARG A 317 14.98 29.01 7.97
CA ARG A 317 14.63 30.42 8.26
C ARG A 317 15.36 30.94 9.49
N SER A 318 16.67 31.10 9.38
CA SER A 318 17.46 31.35 10.61
C SER A 318 17.87 32.80 10.84
N ALA A 319 17.80 33.63 9.80
CA ALA A 319 18.48 34.94 9.82
C ALA A 319 18.05 35.81 10.99
N GLU A 320 16.76 36.12 11.07
CA GLU A 320 16.26 37.00 12.13
C GLU A 320 16.57 36.48 13.54
N LEU A 321 16.23 35.22 13.79
CA LEU A 321 16.45 34.59 15.10
C LEU A 321 17.92 34.57 15.50
N ALA A 322 18.79 34.24 14.54
CA ALA A 322 20.24 34.28 14.79
C ALA A 322 20.74 35.69 15.17
N LYS A 323 20.22 36.71 14.52
CA LYS A 323 20.58 38.11 14.83
C LYS A 323 20.14 38.46 16.25
N ILE A 324 18.92 38.07 16.62
CA ILE A 324 18.35 38.43 17.93
C ILE A 324 19.03 37.66 19.06
N LEU A 325 19.16 36.36 18.87
CA LEU A 325 19.56 35.48 19.95
C LEU A 325 21.06 35.16 19.97
N GLY A 326 21.74 35.36 18.85
CA GLY A 326 23.17 35.05 18.73
C GLY A 326 23.45 33.57 18.47
N LEU A 327 22.59 32.94 17.66
CA LEU A 327 22.68 31.50 17.40
C LEU A 327 23.82 31.17 16.44
N ASP A 328 24.63 30.18 16.77
CA ASP A 328 25.58 29.61 15.77
C ASP A 328 24.86 28.90 14.61
N LEU A 329 25.29 29.18 13.38
CA LEU A 329 24.67 28.63 12.16
C LEU A 329 25.68 27.80 11.42
N GLY A 330 25.19 26.80 10.68
CA GLY A 330 26.03 26.04 9.75
C GLY A 330 26.12 26.67 8.37
N PRO A 331 26.89 26.05 7.46
CA PRO A 331 27.17 26.59 6.13
C PRO A 331 25.93 26.94 5.29
N LYS A 332 24.84 26.19 5.44
CA LYS A 332 23.63 26.47 4.66
C LYS A 332 22.59 27.20 5.49
N GLY A 333 23.04 27.85 6.57
CA GLY A 333 22.18 28.67 7.43
C GLY A 333 21.32 27.88 8.41
N GLU A 334 21.56 26.56 8.49
CA GLU A 334 20.86 25.71 9.45
C GLU A 334 21.26 26.12 10.88
N VAL A 335 20.33 26.07 11.82
CA VAL A 335 20.68 26.40 13.21
C VAL A 335 21.43 25.17 13.74
N LEU A 336 22.63 25.41 14.26
CA LEU A 336 23.43 24.32 14.81
C LEU A 336 22.86 23.83 16.13
N VAL A 337 22.66 22.51 16.24
CA VAL A 337 22.24 21.91 17.52
C VAL A 337 23.11 20.75 17.96
N ASN A 338 23.12 20.51 19.26
CA ASN A 338 23.73 19.28 19.75
C ASN A 338 22.71 18.15 19.66
N GLU A 339 23.04 17.00 20.24
CA GLU A 339 22.16 15.86 20.05
C GLU A 339 20.91 15.91 20.93
N TYR A 340 20.85 16.90 21.83
CA TYR A 340 19.62 17.16 22.59
C TYR A 340 18.78 18.28 22.00
N LEU A 341 19.13 18.67 20.76
CA LEU A 341 18.42 19.74 20.04
C LEU A 341 18.68 21.16 20.62
N GLN A 342 19.69 21.29 21.48
CA GLN A 342 20.05 22.58 22.09
C GLN A 342 20.93 23.39 21.16
N THR A 343 20.57 24.66 20.97
CA THR A 343 21.37 25.60 20.15
C THR A 343 22.58 26.10 21.00
N SER A 344 23.45 26.91 20.42
CA SER A 344 24.52 27.58 21.17
C SER A 344 24.01 28.51 22.28
N VAL A 345 22.73 28.85 22.24
CA VAL A 345 22.16 29.82 23.19
C VAL A 345 21.43 29.06 24.31
N PRO A 346 21.76 29.37 25.58
CA PRO A 346 21.13 28.73 26.75
C PRO A 346 19.58 28.70 26.73
N ASN A 347 18.97 27.52 26.89
CA ASN A 347 17.53 27.41 26.99
C ASN A 347 16.78 27.64 25.67
N VAL A 348 17.49 27.54 24.56
CA VAL A 348 16.90 27.73 23.24
C VAL A 348 17.24 26.48 22.43
N TYR A 349 16.19 25.76 22.00
CA TYR A 349 16.32 24.53 21.22
C TYR A 349 15.93 24.88 19.79
N ALA A 350 16.34 24.07 18.82
CA ALA A 350 15.89 24.24 17.43
C ALA A 350 15.53 22.87 16.83
N VAL A 351 14.53 22.83 15.96
CA VAL A 351 13.96 21.54 15.51
C VAL A 351 13.44 21.67 14.08
N GLY A 352 13.05 20.55 13.48
CA GLY A 352 12.44 20.55 12.16
C GLY A 352 13.40 20.94 11.05
N ASP A 353 12.88 21.54 9.99
CA ASP A 353 13.70 21.94 8.84
C ASP A 353 14.70 23.04 9.20
N LEU A 354 14.41 23.81 10.25
CA LEU A 354 15.36 24.83 10.74
C LEU A 354 16.77 24.27 11.04
N ILE A 355 16.84 23.01 11.43
CA ILE A 355 18.14 22.42 11.75
C ILE A 355 18.76 21.64 10.58
N GLY A 356 18.12 21.73 9.41
CA GLY A 356 18.70 21.22 8.16
C GLY A 356 18.21 19.81 7.85
N GLY A 357 18.93 19.11 6.99
CA GLY A 357 18.52 17.78 6.50
C GLY A 357 18.68 16.70 7.58
N PRO A 358 17.98 15.58 7.43
CA PRO A 358 16.98 15.31 6.38
C PRO A 358 15.74 16.12 6.66
N MET A 359 15.19 16.77 5.64
CA MET A 359 13.95 17.54 5.83
C MET A 359 12.75 16.64 5.52
N GLU A 360 12.28 15.92 6.55
CA GLU A 360 11.17 14.98 6.42
C GLU A 360 10.25 15.16 7.60
N MET A 361 9.01 14.73 7.45
CA MET A 361 8.02 14.81 8.54
C MET A 361 8.41 14.02 9.80
N PHE A 362 8.94 12.80 9.65
CA PHE A 362 9.41 12.05 10.84
C PHE A 362 10.50 12.84 11.60
N LYS A 363 11.41 13.48 10.85
CA LYS A 363 12.50 14.24 11.47
C LYS A 363 11.89 15.42 12.22
N ALA A 364 11.00 16.15 11.55
CA ALA A 364 10.34 17.30 12.15
C ALA A 364 9.59 16.92 13.47
N ARG A 365 8.68 15.96 13.38
CA ARG A 365 7.83 15.62 14.52
C ARG A 365 8.67 15.03 15.63
N LYS A 366 9.60 14.16 15.25
CA LYS A 366 10.44 13.52 16.27
C LYS A 366 11.38 14.51 16.94
N SER A 367 12.04 15.38 16.17
CA SER A 367 12.92 16.40 16.80
C SER A 367 12.08 17.30 17.73
N GLY A 368 10.87 17.66 17.30
CA GLY A 368 9.98 18.46 18.15
C GLY A 368 9.74 17.78 19.51
N CYS A 369 9.36 16.51 19.48
CA CYS A 369 9.09 15.74 20.68
C CYS A 369 10.32 15.53 21.54
N TYR A 370 11.46 15.24 20.92
CA TYR A 370 12.68 15.07 21.73
C TYR A 370 13.11 16.40 22.40
N ALA A 371 12.95 17.53 21.71
CA ALA A 371 13.27 18.82 22.36
C ALA A 371 12.34 19.03 23.54
N ALA A 372 11.07 18.74 23.32
CA ALA A 372 10.05 18.82 24.37
C ALA A 372 10.40 17.91 25.59
N ARG A 373 10.88 16.70 25.35
CA ARG A 373 11.28 15.80 26.47
C ARG A 373 12.45 16.36 27.28
N ASN A 374 13.44 16.89 26.58
CA ASN A 374 14.58 17.57 27.16
C ASN A 374 14.14 18.77 28.01
N VAL A 375 13.24 19.57 27.48
CA VAL A 375 12.72 20.71 28.26
C VAL A 375 12.01 20.24 29.52
N MET A 376 11.34 19.09 29.45
CA MET A 376 10.65 18.50 30.58
C MET A 376 11.53 17.67 31.52
N GLY A 377 12.84 17.72 31.30
CA GLY A 377 13.84 17.14 32.22
C GLY A 377 14.27 15.71 31.93
N GLU A 378 13.89 15.21 30.76
CA GLU A 378 14.23 13.86 30.36
C GLU A 378 15.33 14.00 29.33
N LYS A 379 16.56 13.73 29.75
CA LYS A 379 17.74 13.85 28.86
C LYS A 379 17.69 12.80 27.76
N ILE A 380 17.43 13.22 26.53
CA ILE A 380 17.28 12.24 25.45
C ILE A 380 17.85 12.76 24.14
N SER A 381 18.75 12.00 23.53
CA SER A 381 19.37 12.41 22.27
C SER A 381 18.57 12.00 21.05
N TYR A 382 18.72 12.79 19.99
CA TYR A 382 18.13 12.52 18.71
C TYR A 382 19.11 12.70 17.55
N THR A 383 19.39 11.58 16.90
CA THR A 383 20.24 11.60 15.71
C THR A 383 19.60 10.69 14.67
N PRO A 384 18.89 11.28 13.69
CA PRO A 384 18.24 10.49 12.63
C PRO A 384 19.25 9.70 11.80
N LYS A 385 19.01 8.40 11.68
CA LYS A 385 19.97 7.48 11.07
C LYS A 385 19.23 6.18 10.69
N ASN A 386 19.58 5.61 9.55
CA ASN A 386 18.98 4.34 9.10
C ASN A 386 17.46 4.40 9.11
N TYR A 387 16.92 5.36 8.37
CA TYR A 387 15.48 5.49 8.26
C TYR A 387 15.07 5.00 6.88
N PRO A 388 13.85 4.49 6.73
CA PRO A 388 13.40 4.18 5.38
C PRO A 388 13.05 5.47 4.67
N ASP A 389 12.79 5.38 3.37
CA ASP A 389 12.62 6.59 2.61
C ASP A 389 11.78 6.30 1.38
N PHE A 390 11.21 7.32 0.76
CA PHE A 390 10.44 7.05 -0.45
C PHE A 390 10.32 8.35 -1.23
N LEU A 391 9.86 8.23 -2.47
CA LEU A 391 9.55 9.41 -3.24
C LEU A 391 8.52 8.92 -4.26
N HIS A 392 7.88 9.83 -4.99
CA HIS A 392 7.02 9.40 -6.10
C HIS A 392 7.58 9.84 -7.45
N THR A 393 7.42 8.96 -8.42
CA THR A 393 7.46 9.32 -9.83
C THR A 393 6.01 9.26 -10.33
N HIS A 394 5.69 8.39 -11.30
CA HIS A 394 4.31 8.00 -11.53
C HIS A 394 4.04 6.71 -10.74
N TYR A 395 5.08 6.17 -10.12
CA TYR A 395 4.94 5.01 -9.24
C TYR A 395 5.33 5.48 -7.86
N GLU A 396 5.11 4.64 -6.86
CA GLU A 396 5.73 4.79 -5.53
C GLU A 396 7.07 4.07 -5.49
N VAL A 397 8.08 4.75 -4.97
CA VAL A 397 9.45 4.22 -4.91
C VAL A 397 9.94 4.18 -3.47
N SER A 398 10.17 2.99 -2.93
CA SER A 398 10.52 2.87 -1.51
C SER A 398 11.85 2.19 -1.33
N PHE A 399 12.65 2.63 -0.34
CA PHE A 399 13.98 2.05 -0.16
C PHE A 399 14.45 2.21 1.27
N LEU A 400 15.21 1.22 1.74
CA LEU A 400 15.80 1.27 3.06
C LEU A 400 17.12 0.49 2.98
N GLY A 401 18.07 0.81 3.84
CA GLY A 401 19.30 0.06 3.88
C GLY A 401 20.11 0.21 2.63
N MET A 402 20.82 -0.85 2.29
CA MET A 402 21.84 -0.80 1.26
C MET A 402 21.35 -1.25 -0.09
N GLY A 403 21.79 -0.54 -1.12
CA GLY A 403 21.69 -1.02 -2.50
C GLY A 403 22.63 -2.20 -2.66
N GLU A 404 22.48 -2.94 -3.76
CA GLU A 404 23.23 -4.16 -4.00
C GLU A 404 24.74 -3.89 -4.17
N GLU A 405 25.10 -2.99 -5.08
CA GLU A 405 26.47 -2.45 -5.20
C GLU A 405 27.06 -1.90 -3.88
N GLU A 406 26.26 -1.09 -3.17
CA GLU A 406 26.69 -0.50 -1.93
C GLU A 406 27.07 -1.59 -0.94
N ALA A 407 26.31 -2.69 -0.93
CA ALA A 407 26.52 -3.75 0.05
C ALA A 407 27.82 -4.49 -0.24
N ARG A 408 28.07 -4.73 -1.53
CA ARG A 408 29.36 -5.32 -1.97
C ARG A 408 30.57 -4.42 -1.72
N ALA A 409 30.46 -3.13 -2.02
CA ALA A 409 31.54 -2.19 -1.70
C ALA A 409 31.80 -2.13 -0.20
N ALA A 410 30.78 -2.40 0.61
CA ALA A 410 30.94 -2.40 2.06
C ALA A 410 31.58 -3.70 2.54
N GLY A 411 31.87 -4.61 1.62
CA GLY A 411 32.59 -5.81 1.95
C GLY A 411 31.72 -7.02 2.20
N HIS A 412 30.42 -6.93 1.90
CA HIS A 412 29.48 -8.03 2.14
C HIS A 412 29.41 -9.00 0.96
N GLU A 413 29.45 -10.30 1.25
CA GLU A 413 29.08 -11.30 0.26
C GLU A 413 27.55 -11.39 0.23
N ILE A 414 26.95 -11.25 -0.95
CA ILE A 414 25.50 -11.08 -1.03
C ILE A 414 24.80 -11.95 -2.05
N VAL A 415 23.54 -12.28 -1.75
CA VAL A 415 22.60 -12.80 -2.74
C VAL A 415 21.46 -11.79 -2.82
N THR A 416 20.68 -11.84 -3.90
CA THR A 416 19.48 -11.00 -3.95
C THR A 416 18.24 -11.84 -4.25
N ILE A 417 17.08 -11.35 -3.79
CA ILE A 417 15.82 -11.91 -4.19
C ILE A 417 15.03 -10.78 -4.82
N LYS A 418 14.66 -10.95 -6.09
CA LYS A 418 14.02 -9.87 -6.82
C LYS A 418 12.86 -10.36 -7.65
N MET A 419 12.07 -9.40 -8.14
CA MET A 419 11.07 -9.63 -9.16
C MET A 419 11.08 -8.43 -10.08
N PRO A 420 10.91 -8.66 -11.39
CA PRO A 420 10.81 -9.98 -11.98
C PRO A 420 12.18 -10.70 -12.07
N PRO A 421 12.19 -12.03 -12.34
CA PRO A 421 13.51 -12.70 -12.48
C PRO A 421 14.37 -12.19 -13.65
N ASP A 422 15.69 -12.37 -13.53
CA ASP A 422 16.65 -11.90 -14.53
C ASP A 422 16.71 -12.98 -15.59
N THR A 423 15.90 -12.80 -16.64
CA THR A 423 15.79 -13.75 -17.75
C THR A 423 15.79 -13.05 -19.11
N GLU A 424 15.93 -13.86 -20.17
CA GLU A 424 15.78 -13.44 -21.56
C GLU A 424 14.50 -12.63 -21.83
N ASN A 425 13.38 -12.96 -21.17
CA ASN A 425 12.13 -12.15 -21.33
C ASN A 425 12.13 -10.86 -20.46
N GLY A 426 13.15 -10.72 -19.62
CA GLY A 426 13.45 -9.49 -18.85
C GLY A 426 12.21 -9.07 -18.07
N LEU A 427 11.81 -7.81 -18.26
CA LEU A 427 10.73 -7.20 -17.49
C LEU A 427 9.35 -7.62 -18.03
N ASN A 428 9.36 -8.19 -19.24
CA ASN A 428 8.15 -8.51 -20.04
C ASN A 428 7.40 -9.74 -19.56
N VAL A 429 7.21 -9.80 -18.24
CA VAL A 429 6.58 -10.93 -17.62
C VAL A 429 5.60 -10.37 -16.57
N ALA A 430 4.59 -11.16 -16.24
CA ALA A 430 3.46 -10.72 -15.46
C ALA A 430 3.76 -10.67 -13.96
N LEU A 431 5.03 -10.51 -13.60
CA LEU A 431 5.40 -10.28 -12.18
C LEU A 431 6.37 -9.10 -12.11
N PRO A 432 6.53 -8.48 -10.92
CA PRO A 432 5.74 -8.62 -9.71
C PRO A 432 4.33 -8.10 -10.02
N ALA A 433 3.33 -8.46 -9.22
CA ALA A 433 1.96 -7.95 -9.41
C ALA A 433 1.24 -7.98 -8.06
N SER A 434 0.38 -7.00 -7.90
CA SER A 434 -0.52 -6.94 -6.77
C SER A 434 -1.46 -5.74 -6.97
N ASP A 435 -2.01 -5.21 -5.90
CA ASP A 435 -2.98 -4.11 -6.09
C ASP A 435 -2.40 -2.93 -6.87
N ARG A 436 -3.16 -2.54 -7.90
CA ARG A 436 -2.89 -1.36 -8.72
C ARG A 436 -1.78 -1.61 -9.74
N THR A 437 -1.31 -2.84 -9.82
CA THR A 437 -0.40 -3.23 -10.93
C THR A 437 -0.95 -4.36 -11.78
N MET A 438 -2.18 -4.78 -11.47
CA MET A 438 -2.77 -5.99 -12.12
C MET A 438 -3.03 -5.78 -13.61
N LEU A 439 -3.53 -4.60 -13.95
CA LEU A 439 -3.80 -4.19 -15.34
C LEU A 439 -2.50 -4.14 -16.15
N TYR A 440 -1.46 -3.53 -15.60
CA TYR A 440 -0.13 -3.58 -16.22
C TYR A 440 0.30 -5.02 -16.40
N ALA A 441 0.12 -5.84 -15.38
CA ALA A 441 0.55 -7.26 -15.48
C ALA A 441 -0.16 -8.04 -16.58
N PHE A 442 -1.43 -7.72 -16.85
CA PHE A 442 -2.22 -8.51 -17.81
C PHE A 442 -2.39 -7.84 -19.18
N GLY A 443 -2.07 -6.55 -19.26
CA GLY A 443 -2.34 -5.74 -20.47
C GLY A 443 -1.40 -6.10 -21.61
N LYS A 444 -1.82 -5.81 -22.84
CA LYS A 444 -1.02 -6.14 -24.03
C LYS A 444 0.22 -5.27 -24.07
N GLY A 445 1.38 -5.93 -24.04
CA GLY A 445 2.67 -5.25 -23.93
C GLY A 445 2.94 -4.34 -22.74
N THR A 446 2.14 -4.41 -21.67
CA THR A 446 2.38 -3.52 -20.53
C THR A 446 3.05 -4.22 -19.36
N ALA A 447 3.33 -5.53 -19.48
CA ALA A 447 3.82 -6.29 -18.30
C ALA A 447 5.11 -5.73 -17.66
N HIS A 448 5.95 -5.05 -18.46
CA HIS A 448 7.20 -4.46 -17.94
C HIS A 448 6.94 -3.37 -16.91
N MET A 449 5.73 -2.84 -16.94
CA MET A 449 5.33 -1.76 -16.03
C MET A 449 4.76 -2.28 -14.71
N SER A 450 4.77 -3.59 -14.49
CA SER A 450 4.09 -4.16 -13.30
C SER A 450 4.89 -3.93 -12.00
N GLY A 451 6.10 -3.41 -12.12
CA GLY A 451 6.93 -3.06 -10.97
C GLY A 451 8.30 -3.71 -10.94
N PHE A 452 9.07 -3.34 -9.93
CA PHE A 452 10.40 -3.90 -9.68
C PHE A 452 10.66 -3.91 -8.20
N GLN A 453 11.28 -4.98 -7.70
CA GLN A 453 11.61 -5.08 -6.27
C GLN A 453 12.77 -6.00 -5.98
N LYS A 454 13.43 -5.77 -4.85
CA LYS A 454 14.65 -6.49 -4.49
C LYS A 454 14.95 -6.39 -3.01
N ILE A 455 15.28 -7.53 -2.43
CA ILE A 455 15.99 -7.48 -1.16
C ILE A 455 17.44 -7.92 -1.36
N VAL A 456 18.32 -7.35 -0.54
CA VAL A 456 19.77 -7.59 -0.56
C VAL A 456 20.07 -8.29 0.76
N ILE A 457 20.74 -9.44 0.69
CA ILE A 457 20.92 -10.35 1.83
C ILE A 457 22.40 -10.71 2.00
N ASP A 458 22.90 -10.74 3.24
CA ASP A 458 24.27 -11.14 3.44
C ASP A 458 24.31 -12.65 3.30
N ALA A 459 25.20 -13.17 2.44
CA ALA A 459 25.16 -14.63 2.19
C ALA A 459 25.57 -15.45 3.40
N LYS A 460 26.35 -14.84 4.29
CA LYS A 460 26.86 -15.56 5.47
C LYS A 460 26.00 -15.44 6.70
N THR A 461 25.67 -14.21 7.09
CA THR A 461 24.85 -13.96 8.31
C THR A 461 23.38 -14.18 8.02
N ARG A 462 23.04 -14.18 6.73
CA ARG A 462 21.70 -14.35 6.22
C ARG A 462 20.79 -13.13 6.55
N LYS A 463 21.38 -12.03 7.01
CA LYS A 463 20.61 -10.84 7.31
C LYS A 463 20.21 -10.03 6.07
N VAL A 464 19.02 -9.45 6.15
CA VAL A 464 18.52 -8.57 5.12
C VAL A 464 19.18 -7.21 5.35
N LEU A 465 19.90 -6.77 4.32
CA LEU A 465 20.71 -5.55 4.39
C LEU A 465 20.06 -4.36 3.71
N GLY A 466 19.07 -4.61 2.86
CA GLY A 466 18.43 -3.52 2.10
C GLY A 466 17.16 -4.02 1.43
N ALA A 467 16.20 -3.11 1.20
CA ALA A 467 15.00 -3.50 0.49
C ALA A 467 14.60 -2.35 -0.45
N HIS A 468 14.01 -2.68 -1.57
CA HIS A 468 13.86 -1.71 -2.65
C HIS A 468 12.61 -2.11 -3.40
N HIS A 469 11.76 -1.14 -3.70
CA HIS A 469 10.47 -1.45 -4.29
C HIS A 469 9.97 -0.30 -5.17
N VAL A 470 9.52 -0.67 -6.36
CA VAL A 470 8.89 0.25 -7.32
C VAL A 470 7.52 -0.36 -7.66
N GLY A 471 6.44 0.38 -7.40
CA GLY A 471 5.10 -0.13 -7.66
C GLY A 471 4.12 0.71 -6.86
N TYR A 472 3.26 0.05 -6.10
CA TYR A 472 2.26 0.76 -5.24
C TYR A 472 2.02 -0.07 -4.01
N GLY A 473 1.68 0.58 -2.89
CA GLY A 473 1.25 -0.18 -1.71
C GLY A 473 2.32 -0.83 -0.83
N ALA A 474 3.58 -0.47 -1.04
CA ALA A 474 4.72 -0.95 -0.18
C ALA A 474 5.27 0.10 0.79
N LYS A 475 5.09 1.37 0.45
CA LYS A 475 5.56 2.49 1.26
C LYS A 475 5.24 2.37 2.76
N ASP A 476 3.97 2.09 3.08
CA ASP A 476 3.60 1.93 4.49
C ASP A 476 4.36 0.76 5.13
N ALA A 477 4.53 -0.32 4.35
CA ALA A 477 5.16 -1.54 4.83
C ALA A 477 6.60 -1.26 5.19
N PHE A 478 7.24 -0.38 4.42
CA PHE A 478 8.66 -0.04 4.67
C PHE A 478 8.84 0.59 6.05
N GLN A 479 7.86 1.32 6.56
CA GLN A 479 8.00 1.86 7.91
C GLN A 479 8.24 0.71 8.91
N TYR A 480 7.48 -0.36 8.77
CA TYR A 480 7.48 -1.43 9.77
C TYR A 480 8.60 -2.42 9.49
N LEU A 481 8.78 -2.73 8.22
CA LEU A 481 9.89 -3.57 7.79
C LEU A 481 11.26 -3.03 8.22
N ASN A 482 11.46 -1.71 8.12
CA ASN A 482 12.68 -1.12 8.60
C ASN A 482 12.99 -1.44 10.05
N VAL A 483 11.97 -1.42 10.91
CA VAL A 483 12.16 -1.75 12.31
C VAL A 483 12.63 -3.20 12.54
N LEU A 484 12.09 -4.11 11.74
CA LEU A 484 12.42 -5.54 11.81
C LEU A 484 13.84 -5.74 11.36
N ILE A 485 14.19 -5.10 10.25
CA ILE A 485 15.59 -5.09 9.76
C ILE A 485 16.60 -4.52 10.78
N LYS A 486 16.29 -3.38 11.40
CA LYS A 486 17.18 -2.79 12.42
C LYS A 486 17.31 -3.72 13.63
N GLN A 487 16.30 -4.54 13.88
CA GLN A 487 16.34 -5.58 14.90
C GLN A 487 17.12 -6.82 14.48
N GLY A 488 17.57 -6.88 13.23
CA GLY A 488 18.37 -8.04 12.79
C GLY A 488 17.71 -9.10 11.91
N LEU A 489 16.68 -8.74 11.16
CA LEU A 489 15.94 -9.69 10.31
C LEU A 489 16.78 -10.56 9.34
N THR A 490 16.59 -11.88 9.37
CA THR A 490 17.21 -12.79 8.39
C THR A 490 16.19 -13.21 7.33
N VAL A 491 16.67 -13.77 6.21
CA VAL A 491 15.82 -14.31 5.17
C VAL A 491 14.93 -15.45 5.74
N ASP A 492 15.47 -16.19 6.70
CA ASP A 492 14.71 -17.24 7.37
C ASP A 492 13.46 -16.72 8.14
N GLU A 493 13.68 -15.68 8.94
CA GLU A 493 12.62 -15.03 9.74
C GLU A 493 11.62 -14.34 8.83
N LEU A 494 12.13 -13.76 7.74
CA LEU A 494 11.29 -13.11 6.73
C LEU A 494 10.41 -14.15 6.05
N GLY A 495 11.03 -15.26 5.64
CA GLY A 495 10.27 -16.38 5.06
C GLY A 495 9.22 -16.98 5.98
N ASP A 496 9.44 -16.83 7.29
CA ASP A 496 8.57 -17.40 8.32
C ASP A 496 7.33 -16.56 8.61
N MET A 497 7.21 -15.39 7.98
CA MET A 497 6.06 -14.52 8.30
C MET A 497 4.80 -14.98 7.56
N ASP A 498 3.63 -14.48 7.97
CA ASP A 498 2.40 -14.70 7.23
C ASP A 498 2.20 -13.66 6.16
N GLU A 499 2.32 -14.07 4.91
CA GLU A 499 2.02 -13.15 3.81
C GLU A 499 0.53 -12.95 3.58
N LEU A 500 0.24 -11.82 2.96
CA LEU A 500 -1.08 -11.48 2.51
C LEU A 500 -1.06 -11.35 0.99
N PHE A 501 -1.14 -12.50 0.31
CA PHE A 501 -1.02 -12.56 -1.13
C PHE A 501 -2.33 -12.01 -1.76
N LEU A 502 -2.28 -11.31 -2.89
CA LEU A 502 -1.10 -10.94 -3.63
C LEU A 502 -0.50 -9.71 -2.98
N ASN A 503 0.79 -9.74 -2.71
CA ASN A 503 1.38 -8.70 -1.86
C ASN A 503 2.23 -7.69 -2.63
N PRO A 504 2.08 -6.38 -2.35
CA PRO A 504 3.01 -5.41 -2.99
C PRO A 504 4.50 -5.79 -2.83
N THR A 505 4.94 -6.19 -1.63
CA THR A 505 6.28 -6.81 -1.54
C THR A 505 6.12 -8.34 -1.54
N HIS A 506 6.88 -9.05 -2.40
CA HIS A 506 6.81 -10.53 -2.45
C HIS A 506 7.89 -11.15 -1.60
N PHE A 507 8.57 -10.30 -0.85
CA PHE A 507 9.70 -10.71 0.00
C PHE A 507 9.47 -11.91 0.89
N ILE A 508 8.30 -12.02 1.49
CA ILE A 508 8.10 -13.08 2.48
C ILE A 508 8.20 -14.49 1.83
N GLN A 509 7.37 -14.72 0.83
CA GLN A 509 7.26 -16.04 0.23
C GLN A 509 8.49 -16.35 -0.65
N LEU A 510 9.09 -15.34 -1.25
CA LEU A 510 10.31 -15.55 -2.06
C LEU A 510 11.49 -15.88 -1.15
N SER A 511 11.56 -15.18 -0.02
CA SER A 511 12.48 -15.60 1.06
C SER A 511 12.26 -17.05 1.52
N ARG A 512 11.01 -17.47 1.65
CA ARG A 512 10.72 -18.86 2.01
C ARG A 512 11.22 -19.87 0.95
N LEU A 513 11.13 -19.49 -0.35
CA LEU A 513 11.53 -20.40 -1.45
C LEU A 513 13.03 -20.75 -1.44
N ARG A 514 13.83 -19.86 -0.84
CA ARG A 514 15.31 -19.95 -0.80
C ARG A 514 15.87 -20.28 0.57
N ALA A 515 15.10 -20.03 1.63
CA ALA A 515 15.66 -20.17 3.00
C ALA A 515 15.87 -21.62 3.47
N GLY A 516 15.29 -22.57 2.75
CA GLY A 516 15.51 -23.99 3.03
C GLY A 516 16.94 -24.46 2.76
N SER A 517 17.73 -23.62 2.08
CA SER A 517 19.12 -23.95 1.76
C SER A 517 20.12 -23.35 2.75
N LYS A 518 21.12 -24.15 3.15
CA LYS A 518 22.23 -23.63 3.95
C LYS A 518 23.08 -22.67 3.14
N ASN A 519 23.20 -22.94 1.84
CA ASN A 519 23.94 -22.03 0.97
C ASN A 519 22.95 -21.28 0.07
N LEU A 520 22.80 -19.99 0.35
CA LEU A 520 21.74 -19.20 -0.27
C LEU A 520 22.01 -18.90 -1.74
N VAL A 521 20.94 -18.87 -2.52
CA VAL A 521 21.08 -18.56 -3.93
C VAL A 521 20.02 -17.51 -4.27
N SER A 522 20.41 -16.54 -5.09
CA SER A 522 19.52 -15.48 -5.58
C SER A 522 18.37 -16.06 -6.41
N LEU A 523 17.25 -15.32 -6.43
CA LEU A 523 16.07 -15.69 -7.19
C LEU A 523 15.68 -14.50 -8.07
N LYS B 2 0.33 -39.11 -25.77
CA LYS B 2 1.70 -38.57 -26.03
C LYS B 2 2.30 -38.02 -24.72
N VAL B 3 3.50 -38.45 -24.40
CA VAL B 3 4.19 -37.98 -23.20
C VAL B 3 5.45 -37.22 -23.61
N TRP B 4 5.45 -35.91 -23.36
CA TRP B 4 6.57 -35.05 -23.76
C TRP B 4 7.63 -35.03 -22.67
N ASN B 5 8.80 -35.60 -22.97
CA ASN B 5 9.91 -35.59 -22.04
C ASN B 5 10.59 -34.23 -22.08
N ALA B 6 10.28 -33.43 -21.06
CA ALA B 6 10.60 -32.00 -21.07
C ALA B 6 11.91 -31.74 -20.34
N ARG B 7 12.40 -32.77 -19.65
CA ARG B 7 13.53 -32.64 -18.72
C ARG B 7 14.70 -31.78 -19.24
N ASN B 8 15.08 -31.99 -20.50
CA ASN B 8 16.24 -31.34 -21.12
C ASN B 8 15.86 -30.23 -22.08
N ASP B 9 14.59 -29.85 -22.07
CA ASP B 9 14.17 -28.63 -22.76
C ASP B 9 14.17 -27.51 -21.74
N HIS B 10 14.47 -26.31 -22.21
CA HIS B 10 14.66 -25.19 -21.28
C HIS B 10 13.92 -23.96 -21.78
N LEU B 11 12.60 -24.08 -21.92
CA LEU B 11 11.75 -22.96 -22.33
C LEU B 11 11.90 -21.73 -21.40
N THR B 12 11.86 -20.54 -22.00
CA THR B 12 11.76 -19.28 -21.27
C THR B 12 10.34 -19.19 -20.64
N ILE B 13 10.16 -18.21 -19.76
CA ILE B 13 8.80 -17.89 -19.25
C ILE B 13 7.77 -17.75 -20.40
N ASN B 14 8.08 -16.97 -21.42
CA ASN B 14 7.12 -16.71 -22.52
C ASN B 14 6.90 -17.90 -23.47
N GLN B 15 7.96 -18.67 -23.76
CA GLN B 15 7.81 -19.95 -24.43
C GLN B 15 6.87 -20.87 -23.64
N TRP B 16 7.06 -20.95 -22.31
CA TRP B 16 6.17 -21.78 -21.48
C TRP B 16 4.70 -21.36 -21.57
N ALA B 17 4.49 -20.04 -21.47
CA ALA B 17 3.18 -19.42 -21.55
C ALA B 17 2.47 -19.90 -22.82
N THR B 18 3.14 -19.70 -23.95
CA THR B 18 2.62 -20.17 -25.25
C THR B 18 2.28 -21.66 -25.28
N ARG B 19 3.15 -22.47 -24.69
CA ARG B 19 2.98 -23.91 -24.81
C ARG B 19 1.96 -24.56 -23.88
N ILE B 20 1.73 -23.96 -22.70
CA ILE B 20 0.59 -24.40 -21.83
C ILE B 20 -0.77 -24.08 -22.49
N ASP B 21 -0.81 -22.95 -23.19
CA ASP B 21 -1.88 -22.60 -24.11
C ASP B 21 -2.19 -23.71 -25.12
N GLU B 22 -1.22 -24.06 -25.99
CA GLU B 22 -1.42 -25.17 -26.94
C GLU B 22 -2.08 -26.35 -26.25
N ILE B 23 -1.50 -26.78 -25.12
CA ILE B 23 -1.99 -27.95 -24.37
C ILE B 23 -3.41 -27.78 -23.82
N LEU B 24 -3.72 -26.58 -23.28
CA LEU B 24 -5.04 -26.31 -22.71
C LEU B 24 -6.10 -26.21 -23.79
N GLU B 25 -5.71 -25.67 -24.95
CA GLU B 25 -6.64 -25.55 -26.07
C GLU B 25 -6.44 -26.68 -27.09
N ALA B 26 -5.73 -27.72 -26.69
CA ALA B 26 -5.63 -28.93 -27.52
C ALA B 26 -6.97 -29.66 -27.47
N PRO B 27 -7.58 -29.92 -28.65
CA PRO B 27 -8.89 -30.57 -28.69
C PRO B 27 -8.92 -31.88 -27.89
N ASP B 28 -7.81 -32.61 -27.90
CA ASP B 28 -7.73 -33.93 -27.25
C ASP B 28 -7.30 -33.94 -25.77
N GLY B 29 -6.98 -32.78 -25.19
CA GLY B 29 -6.49 -32.71 -23.79
C GLY B 29 -5.00 -32.45 -23.72
N GLY B 30 -4.30 -32.74 -24.82
CA GLY B 30 -2.89 -32.46 -24.95
C GLY B 30 -1.97 -33.51 -24.33
N GLU B 31 -0.69 -33.41 -24.69
CA GLU B 31 0.38 -34.27 -24.16
C GLU B 31 0.58 -34.10 -22.66
N VAL B 32 1.21 -35.10 -22.05
CA VAL B 32 1.63 -35.06 -20.65
C VAL B 32 3.00 -34.36 -20.55
N ILE B 33 3.16 -33.45 -19.59
CA ILE B 33 4.43 -32.72 -19.42
C ILE B 33 5.30 -33.50 -18.42
N TYR B 34 6.36 -34.13 -18.93
CA TYR B 34 7.16 -35.10 -18.16
C TYR B 34 8.56 -34.55 -17.82
N ASN B 35 8.70 -34.03 -16.59
CA ASN B 35 9.94 -33.42 -16.10
C ASN B 35 10.53 -34.22 -14.93
N VAL B 36 11.06 -35.41 -15.24
CA VAL B 36 11.64 -36.30 -14.24
C VAL B 36 13.15 -36.52 -14.52
N ASP B 37 13.95 -36.52 -13.46
CA ASP B 37 15.41 -36.67 -13.55
C ASP B 37 15.78 -38.15 -13.62
N GLU B 38 16.16 -38.60 -14.82
CA GLU B 38 16.39 -40.02 -15.11
C GLU B 38 17.73 -40.59 -14.61
N ASN B 39 18.56 -39.75 -13.97
CA ASN B 39 19.85 -40.18 -13.38
C ASN B 39 19.76 -40.48 -11.88
N ASP B 40 18.93 -39.69 -11.20
CA ASP B 40 18.88 -39.69 -9.74
C ASP B 40 18.46 -41.08 -9.23
N PRO B 41 19.29 -41.71 -8.38
CA PRO B 41 18.92 -43.04 -7.93
C PRO B 41 18.21 -43.06 -6.56
N ARG B 42 18.14 -41.90 -5.88
CA ARG B 42 17.40 -41.82 -4.60
C ARG B 42 15.91 -42.11 -4.86
N GLU B 43 15.27 -42.74 -3.87
CA GLU B 43 13.82 -42.91 -3.87
C GLU B 43 13.20 -41.56 -3.48
N TYR B 44 12.00 -41.30 -4.01
CA TYR B 44 11.30 -40.05 -3.73
C TYR B 44 11.01 -39.94 -2.24
N ASP B 45 11.45 -38.84 -1.61
CA ASP B 45 11.17 -38.59 -0.18
C ASP B 45 9.66 -38.39 0.02
N ALA B 46 9.06 -37.70 -0.96
CA ALA B 46 7.64 -37.41 -0.96
C ALA B 46 7.20 -37.22 -2.39
N ILE B 47 6.08 -37.84 -2.72
CA ILE B 47 5.32 -37.46 -3.91
C ILE B 47 4.21 -36.52 -3.44
N PHE B 48 4.06 -35.39 -4.15
CA PHE B 48 3.02 -34.43 -3.82
C PHE B 48 1.86 -34.64 -4.81
N ILE B 49 0.68 -34.96 -4.29
CA ILE B 49 -0.52 -35.01 -5.14
C ILE B 49 -1.15 -33.59 -5.25
N GLY B 50 -0.92 -32.93 -6.39
CA GLY B 50 -1.24 -31.51 -6.55
C GLY B 50 -0.01 -30.63 -6.52
N GLY B 51 0.09 -29.69 -7.47
CA GLY B 51 1.22 -28.76 -7.54
C GLY B 51 0.77 -27.32 -7.45
N GLY B 52 -0.28 -27.09 -6.66
CA GLY B 52 -0.73 -25.76 -6.35
C GLY B 52 0.19 -25.14 -5.30
N ALA B 53 -0.32 -24.14 -4.58
CA ALA B 53 0.47 -23.37 -3.62
C ALA B 53 1.20 -24.26 -2.62
N ALA B 54 0.48 -25.20 -2.01
CA ALA B 54 1.04 -26.05 -0.95
C ALA B 54 2.03 -27.05 -1.58
N GLY B 55 1.58 -27.75 -2.62
CA GLY B 55 2.42 -28.73 -3.35
C GLY B 55 3.69 -28.17 -3.94
N ARG B 56 3.59 -27.03 -4.61
CA ARG B 56 4.73 -26.36 -5.23
C ARG B 56 5.73 -25.84 -4.19
N PHE B 57 5.24 -25.16 -3.16
CA PHE B 57 6.12 -24.59 -2.12
C PHE B 57 6.73 -25.69 -1.28
N GLY B 58 5.92 -26.68 -0.93
CA GLY B 58 6.39 -27.88 -0.22
C GLY B 58 7.55 -28.52 -0.95
N SER B 59 7.38 -28.73 -2.26
CA SER B 59 8.46 -29.21 -3.14
C SER B 59 9.71 -28.31 -3.17
N ALA B 60 9.52 -26.99 -3.28
CA ALA B 60 10.61 -26.00 -3.26
C ALA B 60 11.50 -26.21 -2.01
N TYR B 61 10.85 -26.26 -0.86
CA TYR B 61 11.55 -26.30 0.39
C TYR B 61 12.22 -27.66 0.58
N LEU B 62 11.49 -28.76 0.32
CA LEU B 62 12.04 -30.09 0.42
C LEU B 62 13.29 -30.16 -0.45
N ARG B 63 13.17 -29.69 -1.68
CA ARG B 63 14.31 -29.71 -2.60
C ARG B 63 15.49 -28.87 -2.10
N ALA B 64 15.17 -27.67 -1.61
CA ALA B 64 16.16 -26.76 -1.01
C ALA B 64 16.94 -27.46 0.11
N MET B 65 16.24 -28.28 0.89
CA MET B 65 16.85 -29.01 1.99
C MET B 65 17.66 -30.20 1.49
N GLY B 66 17.67 -30.41 0.17
CA GLY B 66 18.47 -31.48 -0.45
C GLY B 66 17.73 -32.81 -0.58
N GLY B 67 16.41 -32.80 -0.42
CA GLY B 67 15.60 -34.03 -0.57
C GLY B 67 15.12 -34.20 -2.00
N ARG B 68 14.51 -35.36 -2.28
CA ARG B 68 13.94 -35.64 -3.59
C ARG B 68 12.40 -35.65 -3.60
N GLN B 69 11.83 -34.90 -4.55
CA GLN B 69 10.37 -34.73 -4.68
C GLN B 69 9.89 -34.92 -6.10
N LEU B 70 8.63 -35.35 -6.21
CA LEU B 70 7.91 -35.29 -7.46
C LEU B 70 6.53 -34.67 -7.21
N ILE B 71 6.15 -33.74 -8.08
CA ILE B 71 4.77 -33.25 -8.17
C ILE B 71 4.03 -33.96 -9.33
N VAL B 72 2.81 -34.44 -9.04
CA VAL B 72 1.85 -34.85 -10.08
C VAL B 72 0.64 -33.88 -10.02
N ASP B 73 0.33 -33.23 -11.14
CA ASP B 73 -0.86 -32.36 -11.20
C ASP B 73 -1.65 -32.57 -12.48
N ARG B 74 -2.98 -32.59 -12.35
CA ARG B 74 -3.86 -32.74 -13.53
C ARG B 74 -3.90 -31.52 -14.47
N TRP B 75 -3.46 -30.35 -14.02
CA TRP B 75 -3.33 -29.20 -14.90
C TRP B 75 -1.95 -29.27 -15.57
N PRO B 76 -1.78 -28.64 -16.75
CA PRO B 76 -0.48 -28.56 -17.41
C PRO B 76 0.39 -27.43 -16.86
N PHE B 77 -0.02 -26.84 -15.74
CA PHE B 77 0.76 -25.78 -15.12
C PHE B 77 0.86 -26.04 -13.63
N LEU B 78 1.83 -25.38 -13.00
CA LEU B 78 1.95 -25.37 -11.56
C LEU B 78 1.36 -24.08 -10.98
N GLY B 79 1.18 -24.09 -9.66
CA GLY B 79 0.61 -22.92 -8.96
C GLY B 79 -0.85 -23.10 -8.53
N GLY B 80 -1.58 -24.02 -9.16
CA GLY B 80 -2.92 -24.39 -8.68
C GLY B 80 -4.00 -23.37 -9.00
N SER B 81 -4.94 -23.23 -8.08
CA SER B 81 -6.11 -22.36 -8.33
C SER B 81 -5.69 -20.89 -8.44
N CYS B 82 -4.68 -20.52 -7.66
CA CYS B 82 -4.29 -19.12 -7.49
C CYS B 82 -4.09 -18.34 -8.80
N PRO B 83 -3.22 -18.83 -9.72
CA PRO B 83 -3.05 -18.15 -10.99
C PRO B 83 -4.19 -18.43 -12.00
N HIS B 84 -4.88 -19.56 -11.84
CA HIS B 84 -5.85 -19.98 -12.85
C HIS B 84 -7.28 -19.46 -12.59
N ASN B 85 -7.70 -19.40 -11.33
CA ASN B 85 -9.10 -19.02 -11.04
C ASN B 85 -9.39 -18.47 -9.66
N ALA B 86 -8.35 -18.22 -8.86
CA ALA B 86 -8.55 -17.83 -7.47
C ALA B 86 -7.99 -16.43 -7.23
N CYS B 87 -6.86 -16.31 -6.52
CA CYS B 87 -6.34 -15.00 -6.06
C CYS B 87 -5.99 -14.04 -7.18
N VAL B 88 -5.32 -14.55 -8.21
CA VAL B 88 -4.85 -13.68 -9.30
C VAL B 88 -6.01 -12.98 -10.05
N PRO B 89 -7.00 -13.74 -10.57
CA PRO B 89 -8.13 -13.06 -11.23
C PRO B 89 -8.92 -12.18 -10.25
N HIS B 90 -9.11 -12.64 -9.01
CA HIS B 90 -9.70 -11.83 -7.90
C HIS B 90 -9.04 -10.46 -7.79
N HIS B 91 -7.71 -10.41 -7.75
CA HIS B 91 -6.97 -9.13 -7.67
C HIS B 91 -7.13 -8.23 -8.88
N LEU B 92 -7.16 -8.82 -10.07
CA LEU B 92 -7.48 -8.07 -11.28
C LEU B 92 -8.88 -7.45 -11.20
N PHE B 93 -9.86 -8.22 -10.75
CA PHE B 93 -11.25 -7.72 -10.66
C PHE B 93 -11.37 -6.65 -9.57
N SER B 94 -10.69 -6.85 -8.46
CA SER B 94 -10.64 -5.83 -7.39
C SER B 94 -9.95 -4.54 -7.79
N ASP B 95 -8.88 -4.63 -8.60
CA ASP B 95 -8.23 -3.42 -9.14
C ASP B 95 -9.26 -2.64 -9.96
N CYS B 96 -10.01 -3.35 -10.83
CA CYS B 96 -11.05 -2.73 -11.66
C CYS B 96 -12.13 -2.09 -10.80
N ALA B 97 -12.48 -2.78 -9.72
CA ALA B 97 -13.54 -2.28 -8.80
C ALA B 97 -13.16 -0.99 -8.10
N ALA B 98 -11.90 -0.92 -7.66
CA ALA B 98 -11.41 0.30 -7.01
C ALA B 98 -11.29 1.44 -8.00
N GLU B 99 -10.72 1.16 -9.18
CA GLU B 99 -10.51 2.19 -10.22
C GLU B 99 -11.84 2.71 -10.74
N LEU B 100 -12.81 1.79 -10.90
CA LEU B 100 -14.15 2.14 -11.33
C LEU B 100 -14.92 2.95 -10.31
N MET B 101 -14.76 2.67 -9.01
CA MET B 101 -15.43 3.52 -8.03
C MET B 101 -14.89 4.95 -8.14
N LEU B 102 -13.58 5.08 -8.42
CA LEU B 102 -12.94 6.40 -8.51
C LEU B 102 -13.51 7.14 -9.73
N ALA B 103 -13.52 6.47 -10.87
CA ALA B 103 -14.09 6.99 -12.13
C ALA B 103 -15.57 7.37 -11.99
N ARG B 104 -16.38 6.53 -11.35
CA ARG B 104 -17.81 6.83 -11.14
C ARG B 104 -18.01 7.99 -10.17
N THR B 105 -17.22 8.03 -9.10
CA THR B 105 -17.26 9.16 -8.16
C THR B 105 -16.89 10.50 -8.84
N PHE B 106 -15.87 10.50 -9.71
CA PHE B 106 -15.41 11.75 -10.33
C PHE B 106 -15.81 11.89 -11.82
N SER B 107 -16.81 11.12 -12.19
CA SER B 107 -17.39 11.08 -13.53
C SER B 107 -17.57 12.49 -14.10
N GLY B 108 -16.95 12.74 -15.24
CA GLY B 108 -17.15 14.01 -15.93
C GLY B 108 -16.46 15.17 -15.24
N GLN B 109 -15.42 14.86 -14.47
CA GLN B 109 -14.51 15.85 -13.89
C GLN B 109 -13.07 15.51 -14.31
N TYR B 110 -12.26 16.56 -14.50
CA TYR B 110 -10.82 16.38 -14.83
C TYR B 110 -10.60 15.51 -16.04
N TRP B 111 -9.83 14.45 -15.92
CA TRP B 111 -9.63 13.57 -17.04
C TRP B 111 -10.75 12.55 -17.11
N PHE B 112 -11.51 12.39 -16.03
CA PHE B 112 -12.47 11.31 -15.94
C PHE B 112 -13.66 11.49 -16.90
N PRO B 113 -13.87 10.52 -17.80
CA PRO B 113 -15.04 10.55 -18.68
C PRO B 113 -16.36 10.37 -17.95
N ASP B 114 -17.45 10.56 -18.69
CA ASP B 114 -18.79 10.47 -18.16
C ASP B 114 -19.11 8.98 -17.97
N MET B 115 -19.38 8.57 -16.74
CA MET B 115 -19.69 7.16 -16.43
C MET B 115 -21.18 6.90 -16.31
N THR B 116 -21.98 7.93 -16.56
CA THR B 116 -23.44 7.92 -16.34
C THR B 116 -24.20 6.74 -16.93
N GLU B 117 -24.04 6.52 -18.24
CA GLU B 117 -24.72 5.40 -18.87
C GLU B 117 -23.77 4.21 -19.13
N LYS B 118 -22.59 4.26 -18.51
CA LYS B 118 -21.52 3.32 -18.81
C LYS B 118 -21.63 1.98 -18.06
N VAL B 119 -21.80 0.93 -18.86
CA VAL B 119 -21.70 -0.44 -18.40
C VAL B 119 -20.39 -0.99 -18.99
N VAL B 120 -19.53 -1.47 -18.09
CA VAL B 120 -18.24 -2.06 -18.44
C VAL B 120 -18.55 -3.53 -18.66
N GLY B 121 -17.89 -4.17 -19.62
CA GLY B 121 -18.17 -5.57 -19.87
C GLY B 121 -17.51 -6.48 -18.84
N ILE B 122 -18.31 -7.28 -18.15
CA ILE B 122 -17.80 -8.34 -17.28
C ILE B 122 -17.03 -9.35 -18.15
N LYS B 123 -17.63 -9.78 -19.27
CA LYS B 123 -16.92 -10.71 -20.18
C LYS B 123 -15.61 -10.15 -20.71
N GLU B 124 -15.62 -8.86 -21.09
CA GLU B 124 -14.39 -8.20 -21.49
C GLU B 124 -13.25 -8.33 -20.47
N VAL B 125 -13.56 -8.15 -19.19
CA VAL B 125 -12.50 -8.18 -18.18
C VAL B 125 -12.05 -9.61 -17.93
N VAL B 126 -13.00 -10.54 -17.92
CA VAL B 126 -12.72 -11.97 -17.77
C VAL B 126 -11.89 -12.45 -18.96
N ASP B 127 -12.23 -11.97 -20.16
CA ASP B 127 -11.46 -12.30 -21.36
C ASP B 127 -10.05 -11.76 -21.28
N LEU B 128 -9.89 -10.54 -20.73
CA LEU B 128 -8.55 -10.03 -20.42
C LEU B 128 -7.78 -10.97 -19.52
N PHE B 129 -8.41 -11.42 -18.43
CA PHE B 129 -7.77 -12.41 -17.54
C PHE B 129 -7.42 -13.69 -18.31
N ARG B 130 -8.41 -14.25 -19.01
CA ARG B 130 -8.17 -15.44 -19.81
C ARG B 130 -7.01 -15.27 -20.79
N ALA B 131 -6.92 -14.12 -21.44
CA ALA B 131 -5.89 -13.88 -22.45
C ALA B 131 -4.48 -13.81 -21.86
N GLY B 132 -4.39 -13.56 -20.54
CA GLY B 132 -3.11 -13.24 -19.93
C GLY B 132 -2.62 -14.22 -18.88
N ARG B 133 -3.51 -15.10 -18.41
CA ARG B 133 -3.18 -15.97 -17.27
C ARG B 133 -2.07 -16.96 -17.59
N ASN B 134 -1.81 -17.14 -18.88
CA ASN B 134 -0.72 -18.02 -19.27
C ASN B 134 0.63 -17.34 -19.04
N GLY B 135 0.60 -16.01 -18.86
CA GLY B 135 1.76 -15.31 -18.32
C GLY B 135 2.15 -15.91 -16.97
N PRO B 136 1.31 -15.70 -15.95
CA PRO B 136 1.60 -16.31 -14.66
C PRO B 136 1.91 -17.82 -14.73
N HIS B 137 1.17 -18.62 -15.55
CA HIS B 137 1.43 -20.07 -15.66
C HIS B 137 2.85 -20.34 -16.13
N GLY B 138 3.33 -19.43 -17.00
CA GLY B 138 4.66 -19.47 -17.64
C GLY B 138 5.76 -19.30 -16.62
N ILE B 139 5.70 -18.20 -15.88
CA ILE B 139 6.59 -17.97 -14.75
C ILE B 139 6.59 -19.20 -13.80
N MET B 140 5.41 -19.77 -13.53
CA MET B 140 5.29 -20.91 -12.61
C MET B 140 6.08 -22.15 -13.07
N ASN B 141 5.88 -22.59 -14.30
CA ASN B 141 6.60 -23.77 -14.78
C ASN B 141 8.09 -23.43 -14.92
N PHE B 142 8.39 -22.18 -15.31
CA PHE B 142 9.78 -21.76 -15.51
C PHE B 142 10.54 -21.79 -14.18
N GLN B 143 10.07 -20.97 -13.25
CA GLN B 143 10.74 -20.84 -11.96
C GLN B 143 10.83 -22.22 -11.22
N SER B 144 9.81 -23.07 -11.37
CA SER B 144 9.81 -24.36 -10.68
C SER B 144 10.90 -25.29 -11.24
N LYS B 145 11.03 -25.33 -12.55
CA LYS B 145 12.02 -26.21 -13.19
C LYS B 145 13.42 -25.64 -13.10
N GLU B 146 13.55 -24.41 -13.59
CA GLU B 146 14.85 -23.84 -13.88
C GLU B 146 15.49 -23.20 -12.66
N GLN B 147 14.66 -22.67 -11.77
CA GLN B 147 15.15 -21.92 -10.63
C GLN B 147 15.10 -22.73 -9.36
N LEU B 148 14.02 -23.50 -9.21
CA LEU B 148 13.77 -24.21 -7.96
C LEU B 148 14.18 -25.69 -8.03
N ASN B 149 14.65 -26.11 -9.21
CA ASN B 149 15.22 -27.46 -9.44
C ASN B 149 14.28 -28.61 -9.16
N LEU B 150 13.00 -28.44 -9.53
CA LEU B 150 11.99 -29.45 -9.20
C LEU B 150 11.75 -30.44 -10.31
N GLU B 151 11.26 -31.59 -9.88
CA GLU B 151 10.74 -32.59 -10.78
C GLU B 151 9.22 -32.51 -10.75
N TYR B 152 8.61 -32.59 -11.93
CA TYR B 152 7.16 -32.62 -12.02
C TYR B 152 6.58 -33.36 -13.19
N ILE B 153 5.33 -33.80 -13.01
CA ILE B 153 4.52 -34.38 -14.09
C ILE B 153 3.20 -33.63 -14.18
N LEU B 154 2.97 -32.90 -15.26
CA LEU B 154 1.75 -32.07 -15.36
C LEU B 154 0.83 -32.52 -16.48
N ASN B 155 -0.41 -32.05 -16.41
CA ASN B 155 -1.47 -32.43 -17.36
C ASN B 155 -1.77 -33.90 -17.24
N CYS B 156 -1.75 -34.38 -16.00
CA CYS B 156 -1.99 -35.79 -15.74
C CYS B 156 -2.51 -35.98 -14.32
N PRO B 157 -3.71 -36.59 -14.17
CA PRO B 157 -4.25 -36.86 -12.85
C PRO B 157 -3.43 -37.94 -12.21
N ALA B 158 -3.19 -37.83 -10.91
CA ALA B 158 -2.44 -38.85 -10.19
C ALA B 158 -3.38 -39.94 -9.73
N LYS B 159 -2.92 -41.19 -9.86
CA LYS B 159 -3.67 -42.32 -9.35
C LYS B 159 -2.93 -42.87 -8.15
N VAL B 160 -3.46 -42.60 -6.96
CA VAL B 160 -2.84 -43.09 -5.74
C VAL B 160 -3.25 -44.54 -5.50
N ILE B 161 -2.25 -45.44 -5.46
CA ILE B 161 -2.50 -46.84 -5.14
C ILE B 161 -2.51 -47.12 -3.62
N ASP B 162 -1.44 -46.74 -2.92
CA ASP B 162 -1.37 -46.93 -1.44
C ASP B 162 -0.53 -45.82 -0.81
N ASN B 163 -0.30 -45.88 0.51
CA ASN B 163 0.47 -44.84 1.19
C ASN B 163 1.95 -44.73 0.77
N HIS B 164 2.34 -45.51 -0.25
CA HIS B 164 3.70 -45.45 -0.82
C HIS B 164 3.74 -45.51 -2.34
N THR B 165 2.58 -45.53 -3.00
CA THR B 165 2.55 -45.78 -4.44
C THR B 165 1.57 -44.96 -5.27
N VAL B 166 2.08 -44.34 -6.33
CA VAL B 166 1.25 -43.52 -7.19
C VAL B 166 1.48 -43.90 -8.64
N GLU B 167 0.39 -44.05 -9.40
CA GLU B 167 0.50 -44.15 -10.87
C GLU B 167 0.38 -42.81 -11.58
N ALA B 168 1.34 -42.52 -12.46
CA ALA B 168 1.30 -41.29 -13.26
C ALA B 168 2.03 -41.52 -14.57
N ALA B 169 1.43 -40.99 -15.64
CA ALA B 169 1.98 -41.02 -17.01
C ALA B 169 2.29 -42.45 -17.49
N GLY B 170 1.38 -43.38 -17.24
CA GLY B 170 1.56 -44.78 -17.59
C GLY B 170 2.54 -45.52 -16.69
N LYS B 171 3.28 -44.76 -15.89
CA LYS B 171 4.28 -45.35 -14.99
C LYS B 171 3.75 -45.51 -13.57
N VAL B 172 4.51 -46.20 -12.75
CA VAL B 172 4.25 -46.39 -11.33
C VAL B 172 5.41 -45.76 -10.58
N PHE B 173 5.10 -44.92 -9.59
CA PHE B 173 6.13 -44.28 -8.76
C PHE B 173 6.10 -44.70 -7.30
N LYS B 174 7.27 -44.61 -6.66
CA LYS B 174 7.44 -45.05 -5.29
C LYS B 174 7.95 -43.91 -4.44
N ALA B 175 7.53 -43.86 -3.18
CA ALA B 175 7.94 -42.77 -2.31
C ALA B 175 7.87 -43.16 -0.87
N LYS B 176 8.71 -42.53 -0.05
CA LYS B 176 8.67 -42.78 1.40
C LYS B 176 7.41 -42.19 2.04
N ASN B 177 6.90 -41.10 1.46
CA ASN B 177 5.74 -40.40 1.99
C ASN B 177 4.94 -39.80 0.87
N LEU B 178 3.65 -39.58 1.15
CA LEU B 178 2.83 -38.77 0.25
C LEU B 178 2.43 -37.50 0.94
N ILE B 179 2.34 -36.41 0.17
CA ILE B 179 1.80 -35.17 0.69
C ILE B 179 0.57 -34.86 -0.16
N LEU B 180 -0.60 -34.95 0.46
CA LEU B 180 -1.86 -34.75 -0.23
C LEU B 180 -2.14 -33.26 -0.30
N ALA B 181 -2.24 -32.71 -1.50
CA ALA B 181 -2.30 -31.24 -1.71
C ALA B 181 -3.23 -30.87 -2.90
N VAL B 182 -4.39 -31.53 -2.97
CA VAL B 182 -5.32 -31.40 -4.09
C VAL B 182 -6.35 -30.28 -3.92
N GLY B 183 -6.18 -29.47 -2.88
CA GLY B 183 -7.07 -28.33 -2.61
C GLY B 183 -8.53 -28.62 -2.26
N ALA B 184 -9.39 -27.72 -2.75
CA ALA B 184 -10.81 -27.69 -2.42
C ALA B 184 -11.58 -27.22 -3.67
N GLY B 185 -12.83 -27.67 -3.84
CA GLY B 185 -13.63 -27.24 -4.97
C GLY B 185 -14.73 -26.29 -4.53
N PRO B 186 -15.29 -25.48 -5.45
CA PRO B 186 -16.34 -24.52 -5.07
C PRO B 186 -17.58 -25.15 -4.45
N GLY B 187 -18.06 -24.56 -3.37
CA GLY B 187 -19.37 -24.94 -2.84
C GLY B 187 -20.50 -24.66 -3.81
N THR B 188 -21.61 -25.38 -3.62
CA THR B 188 -22.80 -25.21 -4.45
C THR B 188 -24.10 -25.27 -3.63
N LEU B 189 -25.24 -25.19 -4.30
CA LEU B 189 -26.57 -25.18 -3.66
C LEU B 189 -27.32 -26.41 -4.16
N ASP B 190 -28.28 -26.92 -3.39
CA ASP B 190 -29.06 -28.07 -3.86
C ASP B 190 -30.49 -27.65 -4.29
N VAL B 191 -30.56 -26.58 -5.07
CA VAL B 191 -31.85 -26.03 -5.44
C VAL B 191 -32.12 -26.29 -6.92
N PRO B 192 -33.39 -26.34 -7.32
CA PRO B 192 -33.66 -26.51 -8.74
C PRO B 192 -33.11 -25.31 -9.51
N GLY B 193 -32.42 -25.60 -10.62
CA GLY B 193 -31.87 -24.55 -11.47
C GLY B 193 -30.40 -24.23 -11.26
N VAL B 194 -29.80 -24.80 -10.22
CA VAL B 194 -28.39 -24.56 -9.94
C VAL B 194 -27.52 -24.99 -11.12
N ASN B 195 -27.99 -25.96 -11.92
CA ASN B 195 -27.27 -26.45 -13.11
C ASN B 195 -27.65 -25.71 -14.39
N ALA B 196 -28.43 -24.64 -14.24
CA ALA B 196 -28.87 -23.83 -15.36
C ALA B 196 -27.69 -23.08 -15.94
N LYS B 197 -27.77 -22.74 -17.22
CA LYS B 197 -26.80 -21.85 -17.81
C LYS B 197 -26.97 -20.44 -17.22
N GLY B 198 -25.87 -19.80 -16.90
CA GLY B 198 -25.90 -18.50 -16.28
C GLY B 198 -25.59 -18.51 -14.79
N VAL B 199 -25.35 -19.70 -14.22
CA VAL B 199 -24.93 -19.82 -12.80
C VAL B 199 -23.42 -20.10 -12.77
N PHE B 200 -22.66 -19.24 -12.10
CA PHE B 200 -21.21 -19.39 -12.06
C PHE B 200 -20.69 -19.45 -10.63
N ASP B 201 -19.48 -19.95 -10.49
CA ASP B 201 -18.64 -19.71 -9.30
C ASP B 201 -17.30 -19.17 -9.77
N HIS B 202 -16.35 -18.97 -8.86
CA HIS B 202 -15.05 -18.39 -9.28
C HIS B 202 -14.34 -19.24 -10.37
N ALA B 203 -14.52 -20.56 -10.32
CA ALA B 203 -13.81 -21.50 -11.23
C ALA B 203 -14.46 -21.51 -12.62
N THR B 204 -15.79 -21.60 -12.66
CA THR B 204 -16.50 -21.65 -13.94
C THR B 204 -16.61 -20.32 -14.66
N LEU B 205 -16.64 -19.23 -13.87
CA LEU B 205 -16.69 -17.88 -14.46
C LEU B 205 -15.54 -17.66 -15.46
N VAL B 206 -14.37 -18.22 -15.17
CA VAL B 206 -13.21 -17.96 -16.04
C VAL B 206 -13.03 -19.02 -17.13
N GLU B 207 -13.99 -19.94 -17.24
CA GLU B 207 -13.95 -21.00 -18.28
C GLU B 207 -15.15 -20.96 -19.19
N GLU B 208 -16.31 -20.59 -18.64
CA GLU B 208 -17.58 -20.80 -19.33
C GLU B 208 -18.37 -19.55 -19.61
N LEU B 209 -17.78 -18.36 -19.44
CA LEU B 209 -18.58 -17.15 -19.63
C LEU B 209 -18.62 -16.76 -21.11
N ASP B 210 -19.71 -17.09 -21.79
CA ASP B 210 -19.76 -16.93 -23.23
C ASP B 210 -20.73 -15.85 -23.66
N TYR B 211 -21.21 -15.05 -22.70
CA TYR B 211 -22.12 -13.95 -22.97
C TYR B 211 -21.82 -12.80 -22.02
N GLU B 212 -22.36 -11.63 -22.31
CA GLU B 212 -22.28 -10.50 -21.39
C GLU B 212 -23.53 -10.46 -20.48
N PRO B 213 -23.33 -10.54 -19.15
CA PRO B 213 -24.46 -10.47 -18.21
C PRO B 213 -25.30 -9.23 -18.44
N GLY B 214 -26.59 -9.37 -18.12
CA GLY B 214 -27.53 -8.27 -18.17
C GLY B 214 -27.35 -7.37 -16.98
N SER B 215 -28.37 -6.57 -16.67
CA SER B 215 -28.22 -5.41 -15.77
C SER B 215 -28.30 -5.72 -14.26
N THR B 216 -28.84 -6.89 -13.90
CA THR B 216 -28.88 -7.30 -12.48
C THR B 216 -28.06 -8.54 -12.31
N VAL B 217 -27.26 -8.55 -11.25
CA VAL B 217 -26.44 -9.70 -10.94
C VAL B 217 -26.85 -10.13 -9.55
N VAL B 218 -27.05 -11.43 -9.35
CA VAL B 218 -27.28 -11.97 -8.02
C VAL B 218 -26.02 -12.67 -7.51
N VAL B 219 -25.59 -12.34 -6.29
CA VAL B 219 -24.43 -13.01 -5.72
C VAL B 219 -24.96 -13.78 -4.54
N VAL B 220 -24.47 -15.00 -4.35
CA VAL B 220 -24.88 -15.78 -3.18
C VAL B 220 -23.67 -16.02 -2.29
N GLY B 221 -23.81 -15.65 -1.01
CA GLY B 221 -22.69 -15.71 -0.09
C GLY B 221 -22.44 -14.34 0.52
N GLY B 222 -21.73 -14.30 1.65
CA GLY B 222 -21.51 -13.01 2.32
C GLY B 222 -20.15 -12.82 2.95
N SER B 223 -19.17 -13.58 2.46
CA SER B 223 -17.78 -13.45 2.93
C SER B 223 -16.81 -12.99 1.81
N LYS B 224 -15.53 -13.35 1.89
CA LYS B 224 -14.54 -12.72 0.99
C LYS B 224 -14.93 -12.80 -0.48
N THR B 225 -15.18 -14.02 -0.99
CA THR B 225 -15.39 -14.21 -2.45
C THR B 225 -16.60 -13.46 -2.93
N ALA B 226 -17.69 -13.58 -2.17
CA ALA B 226 -18.96 -12.95 -2.52
C ALA B 226 -18.82 -11.43 -2.62
N VAL B 227 -18.16 -10.84 -1.63
CA VAL B 227 -18.02 -9.40 -1.57
C VAL B 227 -16.99 -8.90 -2.60
N GLU B 228 -15.89 -9.64 -2.77
CA GLU B 228 -14.89 -9.27 -3.79
C GLU B 228 -15.47 -9.26 -5.18
N TYR B 229 -16.08 -10.36 -5.60
CA TYR B 229 -16.64 -10.42 -6.95
C TYR B 229 -17.86 -9.52 -7.06
N GLY B 230 -18.68 -9.49 -6.00
CA GLY B 230 -19.88 -8.62 -6.01
C GLY B 230 -19.53 -7.15 -6.19
N CYS B 231 -18.47 -6.68 -5.55
CA CYS B 231 -18.10 -5.27 -5.72
C CYS B 231 -17.63 -4.99 -7.14
N PHE B 232 -16.87 -5.93 -7.70
CA PHE B 232 -16.46 -5.82 -9.09
C PHE B 232 -17.70 -5.80 -10.01
N PHE B 233 -18.66 -6.71 -9.81
CA PHE B 233 -19.87 -6.69 -10.68
C PHE B 233 -20.58 -5.35 -10.59
N ASN B 234 -20.75 -4.88 -9.35
CA ASN B 234 -21.39 -3.59 -9.09
C ASN B 234 -20.59 -2.46 -9.73
N ALA B 235 -19.27 -2.49 -9.58
CA ALA B 235 -18.41 -1.46 -10.18
C ALA B 235 -18.60 -1.39 -11.71
N THR B 236 -18.94 -2.51 -12.37
CA THR B 236 -19.18 -2.45 -13.83
C THR B 236 -20.49 -1.72 -14.17
N GLY B 237 -21.28 -1.40 -13.16
CA GLY B 237 -22.49 -0.60 -13.38
C GLY B 237 -23.73 -1.47 -13.34
N ARG B 238 -23.63 -2.66 -12.75
CA ARG B 238 -24.79 -3.54 -12.68
C ARG B 238 -25.37 -3.56 -11.30
N ARG B 239 -26.71 -3.54 -11.24
CA ARG B 239 -27.43 -3.72 -9.99
C ARG B 239 -27.04 -5.07 -9.37
N THR B 240 -26.49 -5.02 -8.17
CA THR B 240 -25.89 -6.24 -7.58
C THR B 240 -26.57 -6.55 -6.28
N VAL B 241 -27.25 -7.69 -6.23
CA VAL B 241 -27.98 -8.05 -5.06
C VAL B 241 -27.27 -9.24 -4.42
N MET B 242 -26.86 -9.10 -3.15
CA MET B 242 -26.23 -10.21 -2.41
C MET B 242 -27.21 -10.88 -1.45
N LEU B 243 -27.31 -12.21 -1.56
CA LEU B 243 -28.16 -13.02 -0.72
C LEU B 243 -27.30 -13.76 0.28
N VAL B 244 -27.45 -13.36 1.53
CA VAL B 244 -26.51 -13.72 2.56
C VAL B 244 -27.27 -14.53 3.61
N ARG B 245 -26.82 -15.76 3.78
CA ARG B 245 -27.51 -16.69 4.66
C ARG B 245 -27.67 -16.12 6.08
N THR B 246 -26.60 -15.52 6.61
CA THR B 246 -26.63 -14.96 7.95
C THR B 246 -26.41 -13.45 7.87
N GLU B 247 -25.19 -13.01 8.19
CA GLU B 247 -24.79 -11.61 8.06
C GLU B 247 -23.46 -11.51 7.29
N PRO B 248 -23.28 -10.40 6.53
CA PRO B 248 -22.11 -10.26 5.68
C PRO B 248 -20.88 -9.87 6.51
N LEU B 249 -19.69 -10.30 6.05
CA LEU B 249 -18.40 -9.80 6.55
C LEU B 249 -18.22 -9.94 8.05
N LYS B 250 -18.57 -11.11 8.54
CA LYS B 250 -18.38 -11.46 9.95
C LYS B 250 -16.88 -11.52 10.30
N LEU B 251 -16.02 -11.68 9.29
CA LEU B 251 -14.59 -11.65 9.53
C LEU B 251 -14.10 -10.31 10.07
N ILE B 252 -14.82 -9.22 9.80
CA ILE B 252 -14.38 -7.91 10.26
C ILE B 252 -14.98 -7.76 11.64
N LYS B 253 -14.14 -8.03 12.65
CA LYS B 253 -14.60 -8.07 14.03
C LYS B 253 -14.86 -6.71 14.66
N ASP B 254 -14.07 -5.69 14.27
CA ASP B 254 -14.32 -4.35 14.79
C ASP B 254 -15.62 -3.77 14.22
N ASN B 255 -16.56 -3.43 15.10
CA ASN B 255 -17.91 -3.04 14.68
C ASN B 255 -17.91 -1.82 13.75
N GLU B 256 -17.19 -0.77 14.15
CA GLU B 256 -17.17 0.49 13.39
C GLU B 256 -16.48 0.31 12.07
N THR B 257 -15.40 -0.46 12.08
CA THR B 257 -14.72 -0.83 10.84
C THR B 257 -15.64 -1.59 9.86
N ARG B 258 -16.35 -2.60 10.37
CA ARG B 258 -17.33 -3.37 9.53
C ARG B 258 -18.46 -2.45 9.03
N ALA B 259 -18.98 -1.59 9.92
CA ALA B 259 -20.00 -0.62 9.52
C ALA B 259 -19.53 0.33 8.42
N TYR B 260 -18.30 0.83 8.54
CA TYR B 260 -17.77 1.73 7.50
C TYR B 260 -17.74 0.95 6.20
N VAL B 261 -17.17 -0.27 6.23
CA VAL B 261 -17.04 -1.05 5.00
C VAL B 261 -18.40 -1.34 4.37
N LEU B 262 -19.36 -1.78 5.19
CA LEU B 262 -20.72 -2.05 4.70
C LEU B 262 -21.44 -0.79 4.23
N ASP B 263 -21.30 0.32 4.97
CA ASP B 263 -21.85 1.61 4.54
C ASP B 263 -21.35 2.04 3.17
N ARG B 264 -20.03 1.88 2.90
CA ARG B 264 -19.49 2.31 1.61
C ARG B 264 -19.94 1.42 0.45
N MET B 265 -20.12 0.13 0.72
CA MET B 265 -20.72 -0.78 -0.25
C MET B 265 -22.13 -0.39 -0.66
N LYS B 266 -22.97 -0.06 0.33
CA LYS B 266 -24.35 0.32 0.05
C LYS B 266 -24.44 1.66 -0.67
N GLU B 267 -23.52 2.57 -0.32
CA GLU B 267 -23.45 3.86 -0.99
C GLU B 267 -23.15 3.73 -2.50
N GLN B 268 -22.35 2.73 -2.86
CA GLN B 268 -22.10 2.39 -4.25
C GLN B 268 -23.33 1.72 -4.93
N GLY B 269 -24.40 1.47 -4.16
CA GLY B 269 -25.61 0.87 -4.72
C GLY B 269 -25.77 -0.63 -4.57
N MET B 270 -24.89 -1.28 -3.82
CA MET B 270 -25.10 -2.71 -3.49
C MET B 270 -26.24 -2.94 -2.56
N GLU B 271 -26.99 -4.02 -2.84
CA GLU B 271 -28.06 -4.48 -1.97
C GLU B 271 -27.62 -5.75 -1.27
N ILE B 272 -27.69 -5.73 0.06
CA ILE B 272 -27.31 -6.89 0.86
C ILE B 272 -28.51 -7.37 1.64
N ILE B 273 -29.01 -8.55 1.26
CA ILE B 273 -30.14 -9.13 1.95
C ILE B 273 -29.69 -10.23 2.91
N SER B 274 -29.81 -9.95 4.20
CA SER B 274 -29.41 -10.87 5.26
C SER B 274 -30.54 -11.85 5.55
N GLY B 275 -30.20 -13.00 6.12
CA GLY B 275 -31.18 -13.99 6.50
C GLY B 275 -31.85 -14.66 5.32
N SER B 276 -31.20 -14.67 4.16
CA SER B 276 -31.90 -15.21 2.99
C SER B 276 -31.23 -16.43 2.40
N ASN B 277 -32.06 -17.32 1.86
CA ASN B 277 -31.64 -18.58 1.27
C ASN B 277 -32.31 -18.74 -0.07
N VAL B 278 -31.52 -19.02 -1.11
CA VAL B 278 -32.05 -19.27 -2.42
C VAL B 278 -32.88 -20.55 -2.33
N THR B 279 -34.08 -20.53 -2.91
CA THR B 279 -34.95 -21.72 -3.00
C THR B 279 -35.10 -22.29 -4.42
N ARG B 280 -34.97 -21.40 -5.41
CA ARG B 280 -35.08 -21.78 -6.82
C ARG B 280 -34.36 -20.79 -7.71
N ILE B 281 -33.49 -21.29 -8.58
CA ILE B 281 -33.01 -20.54 -9.72
C ILE B 281 -33.92 -20.84 -10.95
N GLU B 282 -34.72 -19.86 -11.34
CA GLU B 282 -35.70 -20.03 -12.43
C GLU B 282 -35.02 -20.07 -13.78
N GLU B 283 -35.42 -21.02 -14.64
CA GLU B 283 -34.89 -21.07 -16.00
C GLU B 283 -35.91 -20.59 -17.03
N ASP B 284 -35.39 -20.00 -18.10
CA ASP B 284 -36.17 -19.69 -19.27
C ASP B 284 -36.32 -20.93 -20.17
N ALA B 285 -37.02 -20.77 -21.29
CA ALA B 285 -37.28 -21.88 -22.21
C ALA B 285 -35.98 -22.45 -22.81
N ASN B 286 -34.91 -21.65 -22.85
CA ASN B 286 -33.62 -22.15 -23.35
C ASN B 286 -32.72 -22.73 -22.24
N GLY B 287 -33.27 -22.96 -21.05
CA GLY B 287 -32.51 -23.48 -19.90
C GLY B 287 -31.51 -22.48 -19.30
N ARG B 288 -31.73 -21.19 -19.50
CA ARG B 288 -30.85 -20.14 -18.95
C ARG B 288 -31.53 -19.50 -17.72
N VAL B 289 -30.76 -19.07 -16.73
CA VAL B 289 -31.35 -18.34 -15.58
C VAL B 289 -32.11 -17.12 -16.08
N GLN B 290 -33.29 -16.90 -15.50
CA GLN B 290 -34.07 -15.69 -15.74
C GLN B 290 -34.46 -14.97 -14.43
N ALA B 291 -34.37 -15.68 -13.29
CA ALA B 291 -34.65 -15.11 -11.97
C ALA B 291 -34.14 -16.01 -10.85
N VAL B 292 -34.03 -15.44 -9.66
CA VAL B 292 -33.69 -16.18 -8.45
C VAL B 292 -34.83 -15.94 -7.51
N VAL B 293 -35.32 -17.02 -6.92
CA VAL B 293 -36.29 -16.95 -5.87
C VAL B 293 -35.55 -17.29 -4.56
N ALA B 294 -35.86 -16.59 -3.46
CA ALA B 294 -35.20 -16.75 -2.13
C ALA B 294 -36.17 -16.56 -0.98
N MET B 295 -36.03 -17.35 0.09
CA MET B 295 -36.78 -17.07 1.33
C MET B 295 -35.96 -16.09 2.17
N THR B 296 -36.60 -15.06 2.70
CA THR B 296 -35.95 -14.05 3.54
C THR B 296 -36.75 -13.92 4.85
N PRO B 297 -36.22 -13.17 5.84
CA PRO B 297 -36.96 -12.89 7.08
C PRO B 297 -38.32 -12.21 6.87
N ASN B 298 -38.51 -11.61 5.70
CA ASN B 298 -39.76 -10.94 5.34
C ASN B 298 -40.58 -11.70 4.31
N GLY B 299 -40.21 -12.95 4.06
CA GLY B 299 -40.96 -13.83 3.16
C GLY B 299 -40.23 -14.04 1.85
N GLU B 300 -40.89 -14.67 0.90
CA GLU B 300 -40.29 -14.95 -0.40
C GLU B 300 -40.05 -13.69 -1.23
N MET B 301 -38.93 -13.69 -1.97
CA MET B 301 -38.61 -12.59 -2.89
C MET B 301 -38.11 -13.19 -4.21
N ARG B 302 -38.29 -12.46 -5.31
CA ARG B 302 -37.87 -12.93 -6.61
C ARG B 302 -37.10 -11.79 -7.24
N ILE B 303 -35.88 -12.06 -7.67
CA ILE B 303 -35.05 -11.08 -8.40
C ILE B 303 -34.77 -11.52 -9.82
N GLU B 304 -35.14 -10.70 -10.80
CA GLU B 304 -34.90 -11.04 -12.21
C GLU B 304 -33.45 -10.86 -12.51
N THR B 305 -32.87 -11.83 -13.21
CA THR B 305 -31.45 -11.80 -13.52
C THR B 305 -31.08 -12.90 -14.50
N ASP B 306 -30.02 -12.68 -15.26
CA ASP B 306 -29.50 -13.76 -16.11
C ASP B 306 -28.09 -14.22 -15.76
N PHE B 307 -27.66 -13.90 -14.54
CA PHE B 307 -26.27 -14.12 -14.13
C PHE B 307 -26.25 -14.21 -12.64
N VAL B 308 -25.97 -15.42 -12.16
CA VAL B 308 -25.90 -15.71 -10.73
C VAL B 308 -24.46 -16.10 -10.40
N PHE B 309 -23.89 -15.45 -9.38
CA PHE B 309 -22.57 -15.84 -8.91
C PHE B 309 -22.58 -16.43 -7.50
N LEU B 310 -22.15 -17.69 -7.40
CA LEU B 310 -22.06 -18.38 -6.11
C LEU B 310 -20.69 -18.16 -5.47
N GLY B 311 -20.70 -17.56 -4.28
CA GLY B 311 -19.49 -17.31 -3.49
C GLY B 311 -19.63 -17.97 -2.12
N LEU B 312 -19.68 -19.30 -2.15
CA LEU B 312 -19.97 -20.10 -0.98
C LEU B 312 -18.63 -20.59 -0.42
N GLY B 313 -18.64 -21.61 0.41
CA GLY B 313 -17.36 -22.16 0.84
C GLY B 313 -16.61 -22.84 -0.32
N GLU B 314 -15.36 -23.19 -0.07
CA GLU B 314 -14.59 -24.10 -0.94
C GLU B 314 -14.57 -25.44 -0.13
N GLN B 315 -14.80 -26.57 -0.79
CA GLN B 315 -14.92 -27.88 -0.12
C GLN B 315 -13.69 -28.78 -0.40
N PRO B 316 -13.01 -29.26 0.66
CA PRO B 316 -11.81 -30.09 0.49
C PRO B 316 -12.03 -31.26 -0.46
N ARG B 317 -11.09 -31.52 -1.36
CA ARG B 317 -11.23 -32.63 -2.32
C ARG B 317 -10.76 -33.93 -1.67
N SER B 318 -11.50 -34.36 -0.66
CA SER B 318 -11.05 -35.48 0.19
C SER B 318 -11.62 -36.88 -0.16
N ALA B 319 -12.81 -36.92 -0.76
CA ALA B 319 -13.56 -38.18 -1.07
C ALA B 319 -12.73 -39.34 -1.64
N GLU B 320 -12.22 -39.18 -2.86
CA GLU B 320 -11.50 -40.23 -3.55
C GLU B 320 -10.28 -40.69 -2.73
N LEU B 321 -9.42 -39.73 -2.34
CA LEU B 321 -8.24 -40.03 -1.53
C LEU B 321 -8.54 -40.73 -0.23
N ALA B 322 -9.63 -40.36 0.44
CA ALA B 322 -9.97 -40.97 1.72
C ALA B 322 -10.52 -42.40 1.54
N LYS B 323 -11.12 -42.66 0.38
CA LYS B 323 -11.58 -44.01 0.05
C LYS B 323 -10.33 -44.86 -0.24
N ILE B 324 -9.49 -44.43 -1.19
CA ILE B 324 -8.26 -45.17 -1.57
C ILE B 324 -7.33 -45.42 -0.38
N LEU B 325 -7.28 -44.48 0.57
CA LEU B 325 -6.36 -44.55 1.71
C LEU B 325 -6.99 -44.77 3.07
N GLY B 326 -8.29 -44.51 3.18
CA GLY B 326 -8.95 -44.60 4.49
C GLY B 326 -8.55 -43.50 5.46
N LEU B 327 -8.49 -42.25 4.97
CA LEU B 327 -8.18 -41.09 5.83
C LEU B 327 -9.35 -40.68 6.69
N ASP B 328 -9.06 -40.29 7.93
CA ASP B 328 -10.07 -39.67 8.79
C ASP B 328 -10.37 -38.24 8.32
N LEU B 329 -11.64 -37.90 8.21
CA LEU B 329 -12.08 -36.55 7.79
C LEU B 329 -12.76 -35.80 8.93
N GLY B 330 -12.84 -34.48 8.84
CA GLY B 330 -13.64 -33.69 9.84
C GLY B 330 -15.04 -33.40 9.30
N PRO B 331 -15.82 -32.56 10.02
CA PRO B 331 -17.23 -32.41 9.63
C PRO B 331 -17.53 -31.65 8.31
N LYS B 332 -16.55 -30.93 7.77
CA LYS B 332 -16.70 -30.31 6.43
C LYS B 332 -15.96 -31.10 5.37
N GLY B 333 -15.49 -32.28 5.73
CA GLY B 333 -14.80 -33.13 4.80
C GLY B 333 -13.30 -32.85 4.72
N GLU B 334 -12.80 -31.96 5.59
CA GLU B 334 -11.37 -31.69 5.67
C GLU B 334 -10.56 -32.89 6.20
N VAL B 335 -9.43 -33.21 5.55
CA VAL B 335 -8.52 -34.27 6.06
C VAL B 335 -7.97 -33.82 7.39
N LEU B 336 -8.22 -34.62 8.42
CA LEU B 336 -7.69 -34.29 9.74
C LEU B 336 -6.21 -34.52 9.77
N VAL B 337 -5.49 -33.63 10.44
CA VAL B 337 -4.05 -33.77 10.60
C VAL B 337 -3.69 -33.33 12.00
N ASN B 338 -2.55 -33.80 12.50
CA ASN B 338 -1.99 -33.29 13.76
C ASN B 338 -1.12 -32.05 13.47
N GLU B 339 -0.40 -31.56 14.47
CA GLU B 339 0.42 -30.35 14.29
C GLU B 339 1.61 -30.50 13.33
N TYR B 340 1.91 -31.73 12.93
CA TYR B 340 3.00 -32.00 11.97
C TYR B 340 2.46 -32.25 10.56
N LEU B 341 1.18 -31.94 10.38
CA LEU B 341 0.49 -32.16 9.11
C LEU B 341 0.30 -33.65 8.75
N GLN B 342 0.41 -34.55 9.73
CA GLN B 342 0.24 -35.99 9.43
C GLN B 342 -1.24 -36.39 9.54
N THR B 343 -1.71 -37.14 8.55
CA THR B 343 -3.08 -37.67 8.55
C THR B 343 -3.14 -38.86 9.52
N SER B 344 -4.24 -39.61 9.44
CA SER B 344 -4.42 -40.82 10.26
C SER B 344 -3.61 -42.00 9.68
N VAL B 345 -3.36 -41.94 8.36
CA VAL B 345 -2.58 -42.93 7.61
C VAL B 345 -1.07 -42.68 7.72
N PRO B 346 -0.29 -43.73 8.11
CA PRO B 346 1.17 -43.66 8.22
C PRO B 346 1.82 -43.09 6.96
N ASN B 347 2.73 -42.12 7.15
CA ASN B 347 3.53 -41.56 6.04
C ASN B 347 2.75 -40.77 4.98
N VAL B 348 1.54 -40.36 5.35
CA VAL B 348 0.73 -39.55 4.47
C VAL B 348 0.40 -38.25 5.23
N TYR B 349 0.71 -37.14 4.59
CA TYR B 349 0.50 -35.83 5.15
C TYR B 349 -0.54 -35.14 4.29
N ALA B 350 -1.21 -34.13 4.86
CA ALA B 350 -2.09 -33.25 4.07
C ALA B 350 -1.88 -31.77 4.42
N VAL B 351 -2.06 -30.91 3.43
CA VAL B 351 -1.69 -29.50 3.50
C VAL B 351 -2.63 -28.67 2.64
N GLY B 352 -2.53 -27.35 2.72
CA GLY B 352 -3.29 -26.46 1.85
C GLY B 352 -4.77 -26.46 2.19
N ASP B 353 -5.62 -26.20 1.19
CA ASP B 353 -7.07 -26.13 1.40
C ASP B 353 -7.69 -27.48 1.76
N LEU B 354 -6.98 -28.55 1.45
CA LEU B 354 -7.46 -29.91 1.76
C LEU B 354 -7.64 -30.10 3.26
N ILE B 355 -6.88 -29.38 4.07
CA ILE B 355 -7.01 -29.57 5.51
C ILE B 355 -7.97 -28.53 6.15
N GLY B 356 -8.63 -27.74 5.31
CA GLY B 356 -9.60 -26.75 5.82
C GLY B 356 -9.04 -25.36 6.09
N GLY B 357 -9.78 -24.58 6.87
CA GLY B 357 -9.46 -23.18 7.14
C GLY B 357 -8.31 -22.99 8.11
N PRO B 358 -7.61 -21.85 7.99
CA PRO B 358 -7.95 -20.82 7.00
C PRO B 358 -7.48 -21.20 5.59
N MET B 359 -8.35 -21.02 4.60
CA MET B 359 -7.96 -21.26 3.22
C MET B 359 -7.31 -20.02 2.65
N GLU B 360 -6.01 -19.87 2.95
CA GLU B 360 -5.25 -18.71 2.51
C GLU B 360 -3.95 -19.23 1.93
N MET B 361 -3.31 -18.37 1.15
CA MET B 361 -2.00 -18.66 0.55
C MET B 361 -0.89 -18.86 1.57
N PHE B 362 -0.81 -18.03 2.62
CA PHE B 362 0.21 -18.24 3.69
C PHE B 362 0.07 -19.65 4.29
N LYS B 363 -1.17 -20.06 4.53
CA LYS B 363 -1.47 -21.36 5.13
C LYS B 363 -1.07 -22.48 4.13
N ALA B 364 -1.47 -22.34 2.86
CA ALA B 364 -1.15 -23.41 1.91
C ALA B 364 0.34 -23.57 1.77
N ARG B 365 1.06 -22.45 1.56
CA ARG B 365 2.50 -22.52 1.35
C ARG B 365 3.24 -22.97 2.62
N LYS B 366 2.89 -22.40 3.77
CA LYS B 366 3.58 -22.76 4.99
C LYS B 366 3.29 -24.20 5.38
N SER B 367 2.02 -24.63 5.32
CA SER B 367 1.70 -26.02 5.67
C SER B 367 2.46 -26.95 4.73
N GLY B 368 2.49 -26.59 3.46
CA GLY B 368 3.34 -27.25 2.48
C GLY B 368 4.80 -27.42 2.91
N CYS B 369 5.43 -26.31 3.33
CA CYS B 369 6.86 -26.32 3.68
C CYS B 369 7.08 -27.09 4.95
N TYR B 370 6.17 -26.92 5.91
CA TYR B 370 6.28 -27.60 7.18
C TYR B 370 6.14 -29.12 7.03
N ALA B 371 5.26 -29.59 6.14
CA ALA B 371 5.15 -31.05 5.91
C ALA B 371 6.43 -31.60 5.27
N ALA B 372 7.01 -30.84 4.34
CA ALA B 372 8.30 -31.15 3.70
C ALA B 372 9.44 -31.24 4.72
N ARG B 373 9.47 -30.29 5.65
CA ARG B 373 10.50 -30.30 6.68
C ARG B 373 10.35 -31.52 7.59
N ASN B 374 9.10 -31.82 7.98
CA ASN B 374 8.78 -33.03 8.76
C ASN B 374 9.13 -34.32 8.01
N VAL B 375 8.76 -34.42 6.73
CA VAL B 375 9.22 -35.52 5.86
C VAL B 375 10.73 -35.67 5.92
N MET B 376 11.43 -34.53 5.95
CA MET B 376 12.90 -34.53 5.91
C MET B 376 13.57 -34.71 7.25
N GLY B 377 12.80 -35.00 8.31
CA GLY B 377 13.35 -35.37 9.61
C GLY B 377 13.35 -34.24 10.63
N GLU B 378 13.12 -33.01 10.17
CA GLU B 378 13.08 -31.82 11.02
C GLU B 378 11.69 -31.68 11.61
N LYS B 379 11.51 -32.16 12.84
CA LYS B 379 10.21 -32.12 13.54
C LYS B 379 9.71 -30.72 13.93
N ILE B 380 8.78 -30.16 13.14
CA ILE B 380 8.28 -28.80 13.37
C ILE B 380 6.74 -28.74 13.35
N SER B 381 6.17 -28.05 14.32
CA SER B 381 4.73 -28.01 14.48
C SER B 381 4.18 -26.73 13.88
N TYR B 382 2.98 -26.81 13.32
CA TYR B 382 2.37 -25.66 12.66
C TYR B 382 0.89 -25.60 13.00
N THR B 383 0.52 -24.60 13.78
CA THR B 383 -0.88 -24.35 14.02
C THR B 383 -1.10 -22.86 13.71
N PRO B 384 -1.72 -22.56 12.55
CA PRO B 384 -1.87 -21.14 12.24
C PRO B 384 -2.73 -20.42 13.28
N LYS B 385 -2.19 -19.35 13.86
CA LYS B 385 -3.00 -18.51 14.76
C LYS B 385 -2.43 -17.09 14.75
N ASN B 386 -3.26 -16.10 15.09
CA ASN B 386 -2.78 -14.69 15.18
C ASN B 386 -2.06 -14.24 13.91
N TYR B 387 -2.77 -14.34 12.80
CA TYR B 387 -2.31 -13.92 11.49
C TYR B 387 -3.14 -12.71 11.09
N PRO B 388 -2.58 -11.85 10.21
CA PRO B 388 -3.36 -10.73 9.69
C PRO B 388 -4.21 -11.23 8.56
N ASP B 389 -5.15 -10.42 8.11
CA ASP B 389 -6.10 -10.88 7.12
C ASP B 389 -6.57 -9.66 6.35
N PHE B 390 -7.18 -9.92 5.20
CA PHE B 390 -7.60 -8.84 4.31
C PHE B 390 -8.69 -9.35 3.39
N LEU B 391 -9.46 -8.42 2.85
CA LEU B 391 -10.41 -8.71 1.78
C LEU B 391 -10.59 -7.44 0.98
N HIS B 392 -11.13 -7.54 -0.25
CA HIS B 392 -11.44 -6.36 -1.05
C HIS B 392 -12.94 -6.15 -1.09
N THR B 393 -13.36 -4.89 -0.97
CA THR B 393 -14.67 -4.48 -1.39
C THR B 393 -14.36 -3.66 -2.62
N HIS B 394 -14.73 -2.37 -2.66
CA HIS B 394 -14.11 -1.40 -3.57
C HIS B 394 -12.85 -0.78 -2.90
N TYR B 395 -12.64 -1.13 -1.63
CA TYR B 395 -11.45 -0.73 -0.90
C TYR B 395 -10.68 -1.97 -0.54
N GLU B 396 -9.42 -1.79 -0.14
CA GLU B 396 -8.72 -2.84 0.61
C GLU B 396 -9.07 -2.73 2.09
N VAL B 397 -9.39 -3.87 2.71
CA VAL B 397 -9.77 -3.94 4.11
C VAL B 397 -8.81 -4.89 4.87
N SER B 398 -8.05 -4.34 5.80
CA SER B 398 -6.99 -5.08 6.48
C SER B 398 -7.26 -5.12 7.98
N PHE B 399 -7.02 -6.27 8.60
CA PHE B 399 -7.32 -6.43 10.01
C PHE B 399 -6.46 -7.51 10.68
N LEU B 400 -6.16 -7.28 11.96
CA LEU B 400 -5.47 -8.22 12.80
C LEU B 400 -5.95 -8.03 14.24
N GLY B 401 -5.88 -9.09 15.04
CA GLY B 401 -6.09 -8.97 16.48
C GLY B 401 -7.53 -8.60 16.79
N MET B 402 -7.71 -7.89 17.89
CA MET B 402 -9.03 -7.69 18.45
C MET B 402 -9.71 -6.43 17.95
N GLY B 403 -11.01 -6.50 17.74
CA GLY B 403 -11.81 -5.29 17.54
C GLY B 403 -12.01 -4.60 18.88
N GLU B 404 -12.57 -3.39 18.86
CA GLU B 404 -12.70 -2.57 20.05
C GLU B 404 -13.67 -3.18 21.06
N GLU B 405 -14.84 -3.58 20.59
CA GLU B 405 -15.87 -4.15 21.48
C GLU B 405 -15.39 -5.48 22.06
N GLU B 406 -14.75 -6.26 21.19
CA GLU B 406 -14.15 -7.54 21.53
C GLU B 406 -13.20 -7.41 22.73
N ALA B 407 -12.29 -6.44 22.64
CA ALA B 407 -11.25 -6.26 23.63
C ALA B 407 -11.86 -5.90 24.99
N ARG B 408 -12.84 -5.00 25.00
CA ARG B 408 -13.47 -4.66 26.28
C ARG B 408 -14.28 -5.79 26.89
N ALA B 409 -15.01 -6.52 26.04
CA ALA B 409 -15.80 -7.65 26.49
C ALA B 409 -14.85 -8.71 27.06
N ALA B 410 -13.65 -8.80 26.48
CA ALA B 410 -12.60 -9.75 26.91
C ALA B 410 -11.87 -9.32 28.17
N GLY B 411 -12.34 -8.26 28.82
CA GLY B 411 -11.70 -7.81 30.05
C GLY B 411 -10.41 -7.02 29.87
N HIS B 412 -10.15 -6.48 28.68
CA HIS B 412 -9.07 -5.50 28.51
C HIS B 412 -9.57 -4.05 28.68
N GLU B 413 -8.98 -3.32 29.61
CA GLU B 413 -9.09 -1.86 29.65
C GLU B 413 -8.32 -1.27 28.47
N ILE B 414 -8.98 -0.47 27.64
CA ILE B 414 -8.38 -0.06 26.36
C ILE B 414 -8.56 1.41 26.05
N VAL B 415 -7.70 1.90 25.17
CA VAL B 415 -7.92 3.21 24.52
C VAL B 415 -7.86 2.91 23.02
N THR B 416 -8.40 3.82 22.21
CA THR B 416 -8.37 3.64 20.79
C THR B 416 -7.78 4.87 20.13
N ILE B 417 -7.01 4.64 19.09
CA ILE B 417 -6.46 5.73 18.32
C ILE B 417 -6.94 5.51 16.89
N LYS B 418 -7.68 6.47 16.36
CA LYS B 418 -8.35 6.26 15.10
C LYS B 418 -8.39 7.52 14.25
N MET B 419 -8.91 7.36 13.03
CA MET B 419 -9.08 8.44 12.09
C MET B 419 -10.22 8.00 11.17
N PRO B 420 -11.22 8.86 10.98
CA PRO B 420 -11.43 10.19 11.52
C PRO B 420 -11.83 10.18 13.00
N PRO B 421 -11.64 11.31 13.71
CA PRO B 421 -12.07 11.30 15.11
C PRO B 421 -13.60 11.24 15.25
N ASP B 422 -14.07 10.86 16.43
CA ASP B 422 -15.50 10.88 16.78
C ASP B 422 -15.90 12.30 17.14
N THR B 423 -16.54 12.98 16.19
CA THR B 423 -17.01 14.36 16.37
C THR B 423 -18.34 14.44 15.64
N GLU B 424 -19.11 15.51 15.85
CA GLU B 424 -20.37 15.66 15.11
C GLU B 424 -20.23 15.74 13.57
N ASN B 425 -19.04 16.05 13.04
CA ASN B 425 -18.80 16.01 11.57
C ASN B 425 -18.56 14.58 11.03
N GLY B 426 -18.43 13.63 11.96
CA GLY B 426 -18.29 12.22 11.63
C GLY B 426 -17.24 12.01 10.59
N LEU B 427 -17.60 11.23 9.57
CA LEU B 427 -16.66 10.89 8.48
C LEU B 427 -16.38 12.02 7.48
N ASN B 428 -17.12 13.13 7.60
CA ASN B 428 -17.09 14.21 6.59
C ASN B 428 -15.96 15.21 6.79
N VAL B 429 -14.74 14.68 6.89
CA VAL B 429 -13.53 15.46 7.16
C VAL B 429 -12.43 14.85 6.29
N ALA B 430 -11.37 15.63 6.03
CA ALA B 430 -10.37 15.26 5.03
C ALA B 430 -9.31 14.24 5.48
N LEU B 431 -9.51 13.58 6.62
CA LEU B 431 -8.66 12.46 7.01
C LEU B 431 -9.53 11.22 7.25
N PRO B 432 -8.93 10.01 7.26
CA PRO B 432 -7.54 9.70 6.90
C PRO B 432 -7.28 9.98 5.44
N ALA B 433 -6.01 10.16 5.07
CA ALA B 433 -5.68 10.43 3.65
C ALA B 433 -4.25 10.04 3.37
N SER B 434 -4.06 9.46 2.18
CA SER B 434 -2.75 9.10 1.67
C SER B 434 -2.92 8.63 0.22
N ASP B 435 -1.96 7.87 -0.30
CA ASP B 435 -1.99 7.47 -1.70
C ASP B 435 -3.29 6.75 -2.05
N ARG B 436 -3.95 7.21 -3.12
CA ARG B 436 -5.19 6.66 -3.69
C ARG B 436 -6.46 7.01 -2.90
N THR B 437 -6.32 7.82 -1.86
CA THR B 437 -7.49 8.46 -1.18
C THR B 437 -7.48 10.03 -1.17
N MET B 438 -6.49 10.61 -1.84
CA MET B 438 -6.33 12.09 -1.94
C MET B 438 -7.50 12.75 -2.70
N LEU B 439 -7.87 12.21 -3.87
CA LEU B 439 -9.04 12.73 -4.55
C LEU B 439 -10.28 12.68 -3.64
N TYR B 440 -10.61 11.55 -2.99
CA TYR B 440 -11.70 11.54 -2.00
C TYR B 440 -11.55 12.59 -0.90
N ALA B 441 -10.34 12.67 -0.30
CA ALA B 441 -10.03 13.67 0.75
C ALA B 441 -10.39 15.11 0.35
N PHE B 442 -10.07 15.44 -0.90
CA PHE B 442 -10.20 16.81 -1.45
C PHE B 442 -11.48 17.13 -2.24
N GLY B 443 -12.18 16.11 -2.75
CA GLY B 443 -13.31 16.35 -3.66
C GLY B 443 -14.54 16.91 -2.95
N LYS B 444 -15.45 17.50 -3.71
CA LYS B 444 -16.71 18.02 -3.15
C LYS B 444 -17.66 16.90 -2.68
N GLY B 445 -17.91 16.87 -1.39
CA GLY B 445 -18.79 15.88 -0.80
C GLY B 445 -18.26 14.45 -0.78
N THR B 446 -16.97 14.26 -1.02
CA THR B 446 -16.41 12.91 -1.07
C THR B 446 -15.54 12.58 0.13
N ALA B 447 -15.42 13.50 1.10
CA ALA B 447 -14.42 13.31 2.16
C ALA B 447 -14.69 12.09 3.04
N HIS B 448 -15.96 11.72 3.22
CA HIS B 448 -16.29 10.50 3.99
C HIS B 448 -15.76 9.22 3.34
N MET B 449 -15.45 9.28 2.04
CA MET B 449 -14.84 8.15 1.33
C MET B 449 -13.30 7.98 1.50
N SER B 450 -12.63 8.85 2.27
CA SER B 450 -11.18 8.84 2.29
C SER B 450 -10.64 7.67 3.14
N GLY B 451 -11.52 6.95 3.83
CA GLY B 451 -11.09 5.80 4.60
C GLY B 451 -11.42 5.78 6.07
N PHE B 452 -10.94 4.73 6.72
CA PHE B 452 -11.21 4.55 8.14
C PHE B 452 -10.09 3.70 8.73
N GLN B 453 -9.62 4.08 9.90
CA GLN B 453 -8.62 3.25 10.57
C GLN B 453 -8.60 3.35 12.07
N LYS B 454 -8.08 2.32 12.72
CA LYS B 454 -8.11 2.28 14.20
C LYS B 454 -7.05 1.34 14.74
N ILE B 455 -6.37 1.72 15.82
CA ILE B 455 -5.65 0.70 16.60
C ILE B 455 -6.30 0.57 17.95
N VAL B 456 -6.25 -0.62 18.52
CA VAL B 456 -6.81 -0.87 19.84
C VAL B 456 -5.61 -1.16 20.75
N ILE B 457 -5.57 -0.47 21.88
CA ILE B 457 -4.39 -0.48 22.76
C ILE B 457 -4.75 -0.79 24.21
N ASP B 458 -4.04 -1.73 24.82
CA ASP B 458 -4.22 -2.03 26.23
C ASP B 458 -3.73 -0.84 27.07
N ALA B 459 -4.62 -0.24 27.86
CA ALA B 459 -4.28 0.99 28.59
C ALA B 459 -3.18 0.77 29.63
N LYS B 460 -3.05 -0.46 30.14
CA LYS B 460 -2.07 -0.75 31.20
C LYS B 460 -0.76 -1.30 30.70
N THR B 461 -0.78 -2.32 29.85
CA THR B 461 0.48 -2.82 29.29
C THR B 461 0.99 -1.89 28.20
N ARG B 462 0.10 -1.04 27.69
CA ARG B 462 0.39 -0.15 26.53
C ARG B 462 0.61 -0.91 25.19
N LYS B 463 0.29 -2.21 25.16
CA LYS B 463 0.48 -3.02 23.93
C LYS B 463 -0.67 -2.84 22.93
N VAL B 464 -0.34 -2.85 21.64
CA VAL B 464 -1.35 -2.84 20.57
C VAL B 464 -2.02 -4.22 20.49
N LEU B 465 -3.34 -4.23 20.67
CA LEU B 465 -4.14 -5.47 20.68
C LEU B 465 -4.81 -5.75 19.36
N GLY B 466 -4.94 -4.74 18.53
CA GLY B 466 -5.64 -4.93 17.26
C GLY B 466 -5.40 -3.72 16.36
N ALA B 467 -5.50 -3.94 15.06
CA ALA B 467 -5.35 -2.88 14.06
C ALA B 467 -6.31 -3.14 12.91
N HIS B 468 -6.85 -2.05 12.34
CA HIS B 468 -7.95 -2.13 11.37
C HIS B 468 -7.80 -0.98 10.38
N HIS B 469 -7.93 -1.25 9.09
CA HIS B 469 -7.71 -0.23 8.10
C HIS B 469 -8.61 -0.47 6.91
N VAL B 470 -9.22 0.63 6.44
CA VAL B 470 -9.99 0.61 5.20
C VAL B 470 -9.44 1.75 4.35
N GLY B 471 -9.05 1.43 3.12
CA GLY B 471 -8.52 2.45 2.20
C GLY B 471 -7.67 1.69 1.18
N TYR B 472 -6.44 2.15 0.98
CA TYR B 472 -5.47 1.44 0.13
C TYR B 472 -4.06 1.52 0.66
N GLY B 473 -3.24 0.52 0.33
CA GLY B 473 -1.80 0.59 0.62
C GLY B 473 -1.36 0.18 2.00
N ALA B 474 -2.27 -0.41 2.78
CA ALA B 474 -1.91 -0.87 4.13
C ALA B 474 -1.72 -2.37 4.19
N LYS B 475 -2.33 -3.09 3.25
CA LYS B 475 -2.32 -4.56 3.24
C LYS B 475 -0.91 -5.11 3.46
N ASP B 476 0.03 -4.68 2.63
CA ASP B 476 1.41 -5.12 2.76
C ASP B 476 2.03 -4.82 4.15
N ALA B 477 1.74 -3.65 4.69
CA ALA B 477 2.28 -3.26 6.01
C ALA B 477 1.79 -4.18 7.13
N PHE B 478 0.53 -4.62 7.03
CA PHE B 478 -0.09 -5.48 8.03
C PHE B 478 0.69 -6.77 8.16
N GLN B 479 1.32 -7.22 7.08
CA GLN B 479 2.23 -8.39 7.19
C GLN B 479 3.28 -8.19 8.29
N TYR B 480 3.94 -7.04 8.23
CA TYR B 480 5.12 -6.76 8.99
C TYR B 480 4.68 -6.23 10.35
N LEU B 481 3.61 -5.43 10.35
CA LEU B 481 3.07 -4.89 11.62
C LEU B 481 2.61 -6.00 12.56
N ASN B 482 2.00 -7.02 11.98
CA ASN B 482 1.55 -8.15 12.79
C ASN B 482 2.71 -8.84 13.54
N VAL B 483 3.83 -9.01 12.86
CA VAL B 483 5.02 -9.60 13.48
C VAL B 483 5.46 -8.75 14.68
N LEU B 484 5.50 -7.44 14.52
CA LEU B 484 5.91 -6.55 15.63
C LEU B 484 4.91 -6.65 16.80
N ILE B 485 3.63 -6.64 16.49
CA ILE B 485 2.60 -6.82 17.49
C ILE B 485 2.82 -8.18 18.19
N LYS B 486 3.12 -9.23 17.45
CA LYS B 486 3.40 -10.53 18.09
C LYS B 486 4.62 -10.50 18.98
N GLN B 487 5.57 -9.63 18.68
CA GLN B 487 6.73 -9.47 19.52
C GLN B 487 6.48 -8.58 20.72
N GLY B 488 5.27 -8.06 20.90
CA GLY B 488 5.01 -7.16 22.04
C GLY B 488 4.95 -5.64 21.80
N LEU B 489 4.70 -5.20 20.56
CA LEU B 489 4.63 -3.74 20.24
C LEU B 489 3.74 -2.89 21.17
N THR B 490 4.33 -1.82 21.73
CA THR B 490 3.59 -0.80 22.49
C THR B 490 3.36 0.48 21.68
N VAL B 491 2.46 1.30 22.19
CA VAL B 491 2.14 2.61 21.64
C VAL B 491 3.41 3.46 21.61
N ASP B 492 4.30 3.29 22.59
CA ASP B 492 5.51 4.10 22.67
C ASP B 492 6.51 3.71 21.57
N GLU B 493 6.66 2.40 21.34
CA GLU B 493 7.52 1.85 20.27
C GLU B 493 6.97 2.20 18.89
N LEU B 494 5.66 2.07 18.76
CA LEU B 494 4.97 2.57 17.55
C LEU B 494 5.27 4.04 17.25
N GLY B 495 5.01 4.89 18.24
CA GLY B 495 5.34 6.31 18.18
C GLY B 495 6.80 6.61 17.92
N ASP B 496 7.72 5.74 18.39
CA ASP B 496 9.14 5.96 18.17
C ASP B 496 9.69 5.60 16.79
N MET B 497 8.88 4.96 15.96
CA MET B 497 9.27 4.63 14.58
C MET B 497 9.38 5.89 13.66
N ASP B 498 9.92 5.68 12.45
CA ASP B 498 10.04 6.71 11.42
C ASP B 498 8.95 6.48 10.41
N GLU B 499 7.92 7.33 10.45
CA GLU B 499 6.87 7.27 9.46
C GLU B 499 7.37 7.78 8.09
N LEU B 500 6.71 7.30 7.04
CA LEU B 500 6.87 7.82 5.68
C LEU B 500 5.56 8.55 5.36
N PHE B 501 5.48 9.81 5.76
CA PHE B 501 4.28 10.63 5.55
C PHE B 501 4.17 10.98 4.04
N LEU B 502 2.97 11.05 3.45
CA LEU B 502 1.67 10.70 4.06
C LEU B 502 1.46 9.20 3.99
N ASN B 503 1.26 8.60 5.14
CA ASN B 503 1.21 7.18 5.25
C ASN B 503 -0.20 6.58 5.23
N PRO B 504 -0.39 5.46 4.47
CA PRO B 504 -1.70 4.74 4.55
C PRO B 504 -2.16 4.42 5.96
N THR B 505 -1.27 3.90 6.82
CA THR B 505 -1.52 3.85 8.27
C THR B 505 -0.86 5.07 8.94
N HIS B 506 -1.66 5.82 9.69
CA HIS B 506 -1.20 6.98 10.46
C HIS B 506 -0.83 6.55 11.89
N PHE B 507 -0.86 5.23 12.14
CA PHE B 507 -0.62 4.70 13.50
C PHE B 507 0.62 5.23 14.22
N ILE B 508 1.74 5.36 13.50
CA ILE B 508 2.99 5.79 14.11
C ILE B 508 2.85 7.19 14.75
N GLN B 509 2.44 8.16 13.93
CA GLN B 509 2.42 9.53 14.42
C GLN B 509 1.28 9.75 15.41
N LEU B 510 0.16 9.04 15.23
CA LEU B 510 -1.00 9.23 16.11
C LEU B 510 -0.68 8.60 17.50
N SER B 511 0.15 7.57 17.47
CA SER B 511 0.63 6.96 18.70
C SER B 511 1.52 7.99 19.40
N ARG B 512 2.37 8.67 18.64
CA ARG B 512 3.34 9.63 19.18
C ARG B 512 2.60 10.79 19.90
N LEU B 513 1.46 11.20 19.38
CA LEU B 513 0.60 12.25 19.97
C LEU B 513 0.06 11.91 21.36
N ARG B 514 -0.14 10.62 21.64
CA ARG B 514 -0.65 10.16 22.92
C ARG B 514 0.40 9.52 23.86
N ALA B 515 1.57 9.12 23.34
CA ALA B 515 2.52 8.26 24.11
C ALA B 515 3.25 8.99 25.24
N GLY B 516 3.29 10.32 25.18
CA GLY B 516 3.91 11.11 26.25
C GLY B 516 3.21 11.08 27.62
N SER B 517 1.97 10.62 27.68
CA SER B 517 1.26 10.51 28.97
C SER B 517 1.43 9.12 29.57
N LYS B 518 1.62 9.05 30.89
CA LYS B 518 1.62 7.74 31.59
C LYS B 518 0.22 7.13 31.58
N ASN B 519 -0.81 7.96 31.61
CA ASN B 519 -2.20 7.47 31.49
C ASN B 519 -2.75 7.82 30.12
N LEU B 520 -2.90 6.79 29.29
CA LEU B 520 -3.27 7.00 27.90
C LEU B 520 -4.70 7.50 27.73
N VAL B 521 -4.90 8.27 26.69
CA VAL B 521 -6.19 8.83 26.37
C VAL B 521 -6.45 8.54 24.88
N SER B 522 -7.64 8.04 24.55
CA SER B 522 -8.04 7.80 23.14
C SER B 522 -7.91 9.06 22.31
N LEU B 523 -7.69 8.90 21.00
CA LEU B 523 -7.64 10.02 20.03
C LEU B 523 -8.65 9.76 18.91
PA NAP C . 18.95 18.96 -1.59
O1A NAP C . 20.15 19.82 -1.33
O2A NAP C . 19.04 17.45 -1.54
O5B NAP C . 18.56 19.41 -3.10
C5B NAP C . 17.38 18.96 -3.73
C4B NAP C . 17.62 19.09 -5.22
O4B NAP C . 17.86 20.45 -5.56
C3B NAP C . 18.86 18.31 -5.64
O3B NAP C . 18.47 17.55 -6.77
C2B NAP C . 19.90 19.34 -6.03
O2B NAP C . 20.60 18.94 -7.19
C1B NAP C . 19.04 20.54 -6.37
N9A NAP C . 19.65 21.87 -6.17
C8A NAP C . 19.94 22.47 -5.02
N7A NAP C . 20.48 23.69 -5.29
C5A NAP C . 20.51 23.84 -6.63
C6A NAP C . 20.93 24.86 -7.48
N6A NAP C . 21.44 26.01 -6.96
N1A NAP C . 20.82 24.69 -8.82
C2A NAP C . 20.31 23.56 -9.33
N3A NAP C . 19.90 22.55 -8.53
C4A NAP C . 19.99 22.68 -7.18
O3 NAP C . 17.77 19.48 -0.61
PN NAP C . 16.71 18.47 0.09
O1N NAP C . 17.47 17.64 1.09
O2N NAP C . 15.93 17.80 -1.01
O5D NAP C . 15.72 19.45 0.91
C5D NAP C . 14.29 19.36 0.82
C4D NAP C . 13.77 18.17 1.64
O4D NAP C . 12.34 17.98 1.48
C3D NAP C . 14.47 16.86 1.26
O3D NAP C . 15.16 16.20 2.34
C2D NAP C . 13.34 15.97 0.76
O2D NAP C . 13.54 14.63 1.20
C1D NAP C . 12.06 16.57 1.33
N1N NAP C . 10.98 16.20 0.40
C2N NAP C . 10.47 14.97 0.55
C3N NAP C . 9.45 14.49 -0.28
C7N NAP C . 8.91 13.08 -0.09
O7N NAP C . 8.33 12.45 -1.11
N7N NAP C . 9.02 12.41 1.06
C4N NAP C . 8.90 15.36 -1.38
C5N NAP C . 9.53 16.69 -1.45
C6N NAP C . 10.55 17.04 -0.55
P2B NAP C . 22.03 18.17 -7.04
O1X NAP C . 21.92 17.29 -5.82
O2X NAP C . 22.05 17.48 -8.39
O3X NAP C . 23.04 19.29 -6.85
PA FAD D . 7.14 23.97 8.67
O1A FAD D . 7.65 24.80 7.54
O2A FAD D . 6.13 22.96 8.21
O5B FAD D . 6.53 24.86 9.85
C5B FAD D . 7.12 26.11 10.19
C4B FAD D . 6.05 27.03 10.78
O4B FAD D . 6.73 28.16 11.27
C3B FAD D . 5.06 27.55 9.72
O3B FAD D . 3.75 27.17 10.08
C2B FAD D . 5.24 29.07 9.71
O2B FAD D . 4.03 29.80 9.64
C1B FAD D . 5.90 29.31 11.07
N9A FAD D . 6.71 30.52 11.09
C8A FAD D . 7.80 30.83 10.33
N7A FAD D . 8.24 32.06 10.72
C5A FAD D . 7.43 32.53 11.70
C6A FAD D . 7.39 33.72 12.45
N6A FAD D . 8.10 34.79 12.10
N1A FAD D . 6.43 33.89 13.41
C2A FAD D . 5.48 32.92 13.64
N3A FAD D . 5.53 31.76 12.91
C4A FAD D . 6.49 31.57 11.96
N1 FAD D . 8.21 15.18 4.17
C2 FAD D . 7.77 13.89 4.30
O2 FAD D . 8.06 13.28 5.32
N3 FAD D . 6.98 13.32 3.30
C4 FAD D . 6.65 14.06 2.18
O4 FAD D . 5.95 13.60 1.27
C4X FAD D . 7.10 15.35 2.05
N5 FAD D . 6.81 16.08 0.91
C5X FAD D . 7.26 17.38 0.77
C6 FAD D . 6.91 18.10 -0.37
C7 FAD D . 7.40 19.39 -0.53
C7M FAD D . 7.02 20.15 -1.79
C8 FAD D . 8.18 19.99 0.47
C8M FAD D . 8.73 21.37 0.31
C9 FAD D . 8.54 19.26 1.61
C9A FAD D . 8.06 17.94 1.76
N10 FAD D . 8.36 17.21 2.90
C10 FAD D . 7.89 15.91 3.04
C1' FAD D . 9.21 17.84 3.97
C2' FAD D . 8.25 18.38 5.07
O2' FAD D . 7.24 19.23 4.50
C3' FAD D . 9.05 19.20 6.08
O3' FAD D . 10.21 18.49 6.46
C4' FAD D . 8.26 19.64 7.32
O4' FAD D . 7.03 20.29 6.99
C5' FAD D . 9.10 20.51 8.24
O5' FAD D . 8.29 20.82 9.38
P FAD D . 8.66 22.09 10.26
O1P FAD D . 7.82 22.18 11.49
O2P FAD D . 10.11 22.07 10.54
O3P FAD D . 8.47 23.40 9.35
CAK KPC E . -4.24 16.82 8.52
CAJ KPC E . -2.76 16.57 8.43
OAC KPC E . -2.24 15.55 8.86
CAI KPC E . -2.00 17.67 7.71
SAH KPC E . -0.28 17.50 7.41
CAG KPC E . 0.45 17.04 8.96
CAF KPC E . 0.54 18.25 9.90
SAE KPC E . 1.10 17.74 11.41
OAD KPC E . 2.48 17.21 11.24
OAL KPC E . 1.29 18.91 12.29
OAB KPC E . 0.20 16.75 11.99
MG MG F . 6.43 -7.27 -14.91
C BCT G . -2.25 12.47 9.91
O1 BCT G . -3.29 12.60 10.56
O2 BCT G . -1.13 12.59 10.47
O3 BCT G . -2.36 12.19 8.62
C CO2 H . -4.71 15.40 4.47
O1 CO2 H . -3.81 15.13 5.25
O2 CO2 H . -5.61 15.63 3.67
C ACN I . 2.29 -15.28 -9.23
O ACN I . 1.54 -14.29 -9.22
C1 ACN I . 3.28 -15.59 -8.13
C2 ACN I . 2.21 -16.41 -10.21
C BCT J . 4.74 -14.57 -6.29
O1 BCT J . 5.33 -15.11 -7.26
O2 BCT J . 4.63 -15.17 -5.19
O3 BCT J . 4.22 -13.34 -6.46
PA NAP K . -17.22 -20.33 4.66
O1A NAP K . -17.83 -21.65 5.07
O2A NAP K . -16.68 -19.37 5.69
O5B NAP K . -18.43 -19.63 3.82
C5B NAP K . -18.14 -18.48 3.02
C4B NAP K . -19.45 -17.77 2.73
O4B NAP K . -20.32 -18.66 2.04
C3B NAP K . -20.17 -17.36 4.01
O3B NAP K . -20.72 -16.06 3.76
C2B NAP K . -21.26 -18.39 4.17
O2B NAP K . -22.45 -17.86 4.73
C1B NAP K . -21.55 -18.77 2.74
N9A NAP K . -22.12 -20.14 2.53
C8A NAP K . -21.50 -21.32 2.64
N7A NAP K . -22.38 -22.31 2.31
C5A NAP K . -23.57 -21.71 2.00
C6A NAP K . -24.82 -22.16 1.61
N6A NAP K . -25.07 -23.50 1.44
N1A NAP K . -25.80 -21.25 1.39
C2A NAP K . -25.60 -19.91 1.51
N3A NAP K . -24.40 -19.45 1.88
C4A NAP K . -23.38 -20.34 2.14
O3 NAP K . -16.08 -20.67 3.55
PN NAP K . -14.81 -19.75 3.18
O1N NAP K . -13.98 -19.56 4.42
O2N NAP K . -15.31 -18.55 2.42
O5D NAP K . -13.98 -20.67 2.13
C5D NAP K . -13.31 -20.12 0.99
C4D NAP K . -11.88 -19.78 1.36
O4D NAP K . -11.20 -19.04 0.33
C3D NAP K . -11.86 -18.90 2.62
O3D NAP K . -11.45 -19.61 3.80
C2D NAP K . -10.89 -17.78 2.32
O2D NAP K . -9.80 -17.83 3.25
C1D NAP K . -10.38 -17.99 0.89
N1N NAP K . -10.45 -16.69 0.20
C2N NAP K . -9.55 -15.74 0.54
C3N NAP K . -9.54 -14.47 -0.07
C7N NAP K . -8.55 -13.39 0.31
O7N NAP K . -8.79 -12.13 -0.01
N7N NAP K . -7.43 -13.64 1.00
C4N NAP K . -10.57 -14.12 -1.11
C5N NAP K . -11.50 -15.22 -1.39
C6N NAP K . -11.39 -16.44 -0.72
P2B NAP K . -22.82 -17.75 6.27
O1X NAP K . -21.56 -17.42 7.04
O2X NAP K . -23.82 -16.57 6.16
O3X NAP K . -23.48 -19.04 6.64
PA FAD L . -4.86 -25.41 -5.06
O1A FAD L . -6.26 -25.50 -5.56
O2A FAD L . -4.20 -24.10 -5.41
O5B FAD L . -4.03 -26.60 -5.77
C5B FAD L . -4.63 -27.89 -5.84
C4B FAD L . -3.98 -28.64 -6.99
O4B FAD L . -4.31 -30.01 -6.90
C3B FAD L . -4.54 -28.17 -8.32
O3B FAD L . -3.46 -27.75 -9.13
C2B FAD L . -5.22 -29.37 -8.93
O2B FAD L . -5.00 -29.44 -10.32
C1B FAD L . -4.52 -30.50 -8.20
N9A FAD L . -5.31 -31.74 -8.19
C8A FAD L . -6.53 -31.99 -7.64
N7A FAD L . -6.84 -33.29 -7.87
C5A FAD L . -5.81 -33.86 -8.54
C6A FAD L . -5.58 -35.16 -9.01
N6A FAD L . -6.19 -36.18 -8.42
N1A FAD L . -4.39 -35.42 -9.68
C2A FAD L . -3.43 -34.46 -9.85
N3A FAD L . -3.66 -33.18 -9.38
C4A FAD L . -4.83 -32.91 -8.73
N1 FAD L . -5.81 -16.71 -0.63
C2 FAD L . -4.98 -15.64 -0.32
O2 FAD L . -4.08 -15.79 0.49
N3 FAD L . -5.18 -14.40 -0.88
C4 FAD L . -6.21 -14.20 -1.79
O4 FAD L . -6.36 -13.08 -2.30
C4X FAD L . -7.05 -15.27 -2.13
N5 FAD L . -8.09 -15.10 -3.02
C5X FAD L . -8.92 -16.19 -3.34
C6 FAD L . -9.95 -16.01 -4.26
C7 FAD L . -10.78 -17.07 -4.56
C7M FAD L . -11.89 -16.84 -5.56
C8 FAD L . -10.60 -18.33 -3.98
C8M FAD L . -11.53 -19.48 -4.32
C9 FAD L . -9.56 -18.53 -3.08
C9A FAD L . -8.71 -17.44 -2.76
N10 FAD L . -7.68 -17.60 -1.85
C10 FAD L . -6.85 -16.53 -1.53
C1' FAD L . -7.41 -18.94 -1.22
C2' FAD L . -6.27 -19.66 -1.96
O2' FAD L . -6.56 -19.82 -3.33
C3' FAD L . -6.06 -21.07 -1.43
O3' FAD L . -5.87 -21.05 -0.01
C4' FAD L . -4.87 -21.79 -2.10
O4' FAD L . -4.95 -21.72 -3.50
C5' FAD L . -4.83 -23.25 -1.68
O5' FAD L . -3.70 -23.87 -2.23
P FAD L . -3.69 -25.47 -2.36
O1P FAD L . -2.29 -25.86 -2.80
O2P FAD L . -4.05 -26.06 -1.03
O3P FAD L . -4.78 -25.86 -3.49
C1 COM M . 1.06 -17.98 -6.85
C2 COM M . 1.12 -19.50 -7.00
S1 COM M . -0.15 -17.39 -8.04
S2 COM M . 2.30 -20.13 -6.01
O1S COM M . 1.91 -20.00 -4.60
O2S COM M . 2.44 -21.57 -6.34
O3S COM M . 3.54 -19.37 -6.26
MG MG N . -12.56 11.24 5.63
#